data_4ROY
# 
_entry.id   4ROY 
# 
_audit_conform.dict_name       mmcif_pdbx.dic 
_audit_conform.dict_version    5.379 
_audit_conform.dict_location   http://mmcif.pdb.org/dictionaries/ascii/mmcif_pdbx.dic 
# 
loop_
_database_2.database_id 
_database_2.database_code 
_database_2.pdbx_database_accession 
_database_2.pdbx_DOI 
PDB   4ROY         pdb_00004roy 10.2210/pdb4roy/pdb 
NDB   NA3270       ?            ?                   
RCSB  RCSB087615   ?            ?                   
WWPDB D_1000087615 ?            ?                   
# 
loop_
_pdbx_database_related.db_name 
_pdbx_database_related.db_id 
_pdbx_database_related.details 
_pdbx_database_related.content_type 
PDB 4RNK 'Sequence and structure of a self-assembled 3-D DNA crystal: D(GGAAAATTTGGAG)' unspecified 
PDB 1P1Y 'Crystal structure of a continuous three-dimensional DNA lattice.'             unspecified 
PDB 4RO4 .                                                                              unspecified 
PDB 4RO7 .                                                                              unspecified 
PDB 4RO8 .                                                                              unspecified 
PDB 4ROG .                                                                              unspecified 
PDB 4ROK .                                                                              unspecified 
PDB 4RON .                                                                              unspecified 
PDB 4ROO .                                                                              unspecified 
PDB 4ROZ .                                                                              unspecified 
PDB 4RP0 .                                                                              unspecified 
PDB 4RP1 .                                                                              unspecified 
PDB 4RP2 .                                                                              unspecified 
# 
_pdbx_database_status.status_code                     REL 
_pdbx_database_status.entry_id                        4ROY 
_pdbx_database_status.recvd_initial_deposition_date   2014-10-29 
_pdbx_database_status.deposit_site                    RCSB 
_pdbx_database_status.process_site                    RCSB 
_pdbx_database_status.status_code_sf                  REL 
_pdbx_database_status.status_code_mr                  ? 
_pdbx_database_status.SG_entry                        ? 
_pdbx_database_status.status_code_cs                  ? 
_pdbx_database_status.methods_development_category    ? 
_pdbx_database_status.pdb_format_compatible           Y 
_pdbx_database_status.status_code_nmr_data            ? 
# 
loop_
_audit_author.name 
_audit_author.pdbx_ordinal 
'Saoji, M.M.'      1 
'Paukstelis, P.J.' 2 
# 
loop_
_citation.id 
_citation.title 
_citation.journal_abbrev 
_citation.journal_volume 
_citation.page_first 
_citation.page_last 
_citation.year 
_citation.journal_id_ASTM 
_citation.country 
_citation.journal_id_ISSN 
_citation.journal_id_CSD 
_citation.book_publisher 
_citation.pdbx_database_id_PubMed 
_citation.pdbx_database_id_DOI 
primary 'Probing the role of sequence in the assembly of three-dimensional DNA crystals.' Biopolymers 103 618  626  2015 BIPMAA US 
0006-3525 0161 ? 26015367 10.1002/bip.22688              
1       'Crystal structure of a continuous three-dimensional DNA lattice.'                Chem.Biol.  11  1119 1126 2004 CBOLE2 UK 
1074-5521 2050 ? 15324813 10.1016/j.chembiol.2004.05.021 
# 
loop_
_citation_author.citation_id 
_citation_author.name 
_citation_author.ordinal 
_citation_author.identifier_ORCID 
primary 'Saoji, M.'        1 ? 
primary 'Zhang, D.'        2 ? 
primary 'Paukstelis, P.J.' 3 ? 
1       'Paukstelis, P.J.' 4 ? 
1       'Nowakowski, J.'   5 ? 
1       'Birktoft, J.J.'   6 ? 
1       'Seeman, N.C.'     7 ? 
# 
_cell.entry_id           4ROY 
_cell.length_a           40.442 
_cell.length_b           40.442 
_cell.length_c           52.514 
_cell.angle_alpha        90.00 
_cell.angle_beta         90.00 
_cell.angle_gamma        120.00 
_cell.Z_PDB              6 
_cell.pdbx_unique_axis   ? 
_cell.length_a_esd       ? 
_cell.length_b_esd       ? 
_cell.length_c_esd       ? 
_cell.angle_alpha_esd    ? 
_cell.angle_beta_esd     ? 
_cell.angle_gamma_esd    ? 
# 
_symmetry.entry_id                         4ROY 
_symmetry.space_group_name_H-M             'P 64' 
_symmetry.pdbx_full_space_group_name_H-M   ? 
_symmetry.cell_setting                     ? 
_symmetry.Int_Tables_number                172 
_symmetry.space_group_name_Hall            ? 
# 
loop_
_entity.id 
_entity.type 
_entity.src_method 
_entity.pdbx_description 
_entity.formula_weight 
_entity.pdbx_number_of_molecules 
_entity.pdbx_ec 
_entity.pdbx_mutation 
_entity.pdbx_fragment 
_entity.details 
1 polymer     syn 'D(GGACGATCGGGAG)' 4081.660 1 ? ? ? ? 
2 non-polymer syn 'MAGNESIUM ION'    24.305   1 ? ? ? ? 
3 water       nat water              18.015   4 ? ? ? ? 
# 
_entity_poly.entity_id                      1 
_entity_poly.type                           polydeoxyribonucleotide 
_entity_poly.nstd_linkage                   no 
_entity_poly.nstd_monomer                   no 
_entity_poly.pdbx_seq_one_letter_code       '(DG)(DG)(DA)(DC)(DG)(DA)(DT)(DC)(DG)(DG)(DG)(DA)(DG)' 
_entity_poly.pdbx_seq_one_letter_code_can   GGACGATCGGGAG 
_entity_poly.pdbx_strand_id                 A 
_entity_poly.pdbx_target_identifier         ? 
# 
loop_
_entity_poly_seq.entity_id 
_entity_poly_seq.num 
_entity_poly_seq.mon_id 
_entity_poly_seq.hetero 
1 1  DG n 
1 2  DG n 
1 3  DA n 
1 4  DC n 
1 5  DG n 
1 6  DA n 
1 7  DT n 
1 8  DC n 
1 9  DG n 
1 10 DG n 
1 11 DG n 
1 12 DA n 
1 13 DG n 
# 
_pdbx_entity_src_syn.entity_id              1 
_pdbx_entity_src_syn.pdbx_src_id            1 
_pdbx_entity_src_syn.pdbx_alt_source_flag   sample 
_pdbx_entity_src_syn.pdbx_beg_seq_num       ? 
_pdbx_entity_src_syn.pdbx_end_seq_num       ? 
_pdbx_entity_src_syn.organism_scientific    ? 
_pdbx_entity_src_syn.organism_common_name   ? 
_pdbx_entity_src_syn.ncbi_taxonomy_id       ? 
_pdbx_entity_src_syn.details                'DNA molecule synthesized using a DNA synthesizer.' 
# 
_struct_ref.id                         1 
_struct_ref.db_name                    PDB 
_struct_ref.db_code                    4ROY 
_struct_ref.pdbx_db_accession          4ROY 
_struct_ref.entity_id                  1 
_struct_ref.pdbx_align_begin           ? 
_struct_ref.pdbx_seq_one_letter_code   GGACGATCGGGAG 
_struct_ref.pdbx_db_isoform            ? 
# 
_struct_ref_seq.align_id                      1 
_struct_ref_seq.ref_id                        1 
_struct_ref_seq.pdbx_PDB_id_code              4ROY 
_struct_ref_seq.pdbx_strand_id                A 
_struct_ref_seq.seq_align_beg                 1 
_struct_ref_seq.pdbx_seq_align_beg_ins_code   ? 
_struct_ref_seq.seq_align_end                 13 
_struct_ref_seq.pdbx_seq_align_end_ins_code   ? 
_struct_ref_seq.pdbx_db_accession             4ROY 
_struct_ref_seq.db_align_beg                  1 
_struct_ref_seq.pdbx_db_align_beg_ins_code    ? 
_struct_ref_seq.db_align_end                  13 
_struct_ref_seq.pdbx_db_align_end_ins_code    ? 
_struct_ref_seq.pdbx_auth_seq_align_beg       1 
_struct_ref_seq.pdbx_auth_seq_align_end       13 
# 
loop_
_chem_comp.id 
_chem_comp.type 
_chem_comp.mon_nstd_flag 
_chem_comp.name 
_chem_comp.pdbx_synonyms 
_chem_comp.formula 
_chem_comp.formula_weight 
DA  'DNA linking' y "2'-DEOXYADENOSINE-5'-MONOPHOSPHATE" ? 'C10 H14 N5 O6 P' 331.222 
DC  'DNA linking' y "2'-DEOXYCYTIDINE-5'-MONOPHOSPHATE"  ? 'C9 H14 N3 O7 P'  307.197 
DG  'DNA linking' y "2'-DEOXYGUANOSINE-5'-MONOPHOSPHATE" ? 'C10 H14 N5 O7 P' 347.221 
DT  'DNA linking' y "THYMIDINE-5'-MONOPHOSPHATE"         ? 'C10 H15 N2 O8 P' 322.208 
HOH non-polymer   . WATER                                ? 'H2 O'            18.015  
MG  non-polymer   . 'MAGNESIUM ION'                      ? 'Mg 2'            24.305  
# 
_exptl.entry_id          4ROY 
_exptl.method            'X-RAY DIFFRACTION' 
_exptl.crystals_number   1 
# 
_exptl_crystal.id                    1 
_exptl_crystal.density_meas          ? 
_exptl_crystal.density_Matthews      3.04 
_exptl_crystal.density_percent_sol   59.50 
_exptl_crystal.description           ? 
_exptl_crystal.F_000                 ? 
_exptl_crystal.preparation           ? 
# 
_exptl_crystal_grow.crystal_id      1 
_exptl_crystal_grow.method          EVAPORATION 
_exptl_crystal_grow.temp            298 
_exptl_crystal_grow.temp_details    ? 
_exptl_crystal_grow.pH              ? 
_exptl_crystal_grow.pdbx_details    
'120mM Magnesium Formate,,50mM Lithium Chloride, 10% MPD, pH none, EVAPORATION, temperature 298K' 
_exptl_crystal_grow.pdbx_pH_range   none 
# 
_diffrn.id                     1 
_diffrn.ambient_temp           100 
_diffrn.ambient_temp_details   ? 
_diffrn.crystal_id             1 
# 
_diffrn_detector.diffrn_id              1 
_diffrn_detector.detector               PIXEL 
_diffrn_detector.type                   'DECTRIS PILATUS 6M-F' 
_diffrn_detector.pdbx_collection_date   2014-06-29 
_diffrn_detector.details                ? 
# 
_diffrn_radiation.diffrn_id                        1 
_diffrn_radiation.wavelength_id                    1 
_diffrn_radiation.pdbx_monochromatic_or_laue_m_l   M 
_diffrn_radiation.monochromator                    'Si(111)' 
_diffrn_radiation.pdbx_diffrn_protocol             'SINGLE WAVELENGTH' 
_diffrn_radiation.pdbx_scattering_type             x-ray 
# 
_diffrn_radiation_wavelength.id           1 
_diffrn_radiation_wavelength.wavelength   0.979200 
_diffrn_radiation_wavelength.wt           1.0 
# 
_diffrn_source.diffrn_id                   1 
_diffrn_source.source                      SYNCHROTRON 
_diffrn_source.type                        'APS BEAMLINE 24-ID-C' 
_diffrn_source.pdbx_synchrotron_site       APS 
_diffrn_source.pdbx_synchrotron_beamline   24-ID-C 
_diffrn_source.pdbx_wavelength             ? 
_diffrn_source.pdbx_wavelength_list        0.979200 
# 
_reflns.entry_id                     4ROY 
_reflns.observed_criterion_sigma_I   0 
_reflns.observed_criterion_sigma_F   0 
_reflns.d_resolution_low             35.02 
_reflns.d_resolution_high            2.09 
_reflns.number_obs                   2944 
_reflns.number_all                   ? 
_reflns.percent_possible_obs         ? 
_reflns.pdbx_Rmerge_I_obs            0.029 
_reflns.pdbx_Rsym_value              ? 
_reflns.pdbx_netI_over_sigmaI        33.6 
_reflns.B_iso_Wilson_estimate        ? 
_reflns.pdbx_redundancy              6.1 
_reflns.R_free_details               ? 
_reflns.limit_h_max                  ? 
_reflns.limit_h_min                  ? 
_reflns.limit_k_max                  ? 
_reflns.limit_k_min                  ? 
_reflns.limit_l_max                  ? 
_reflns.limit_l_min                  ? 
_reflns.observed_criterion_F_max     ? 
_reflns.observed_criterion_F_min     ? 
_reflns.pdbx_chi_squared             ? 
_reflns.pdbx_scaling_rejects         ? 
_reflns.pdbx_ordinal                 1 
_reflns.pdbx_diffrn_id               1 
# 
_reflns_shell.d_res_high             2.09 
_reflns_shell.d_res_low              2.20 
_reflns_shell.percent_possible_all   ? 
_reflns_shell.Rmerge_I_obs           0.595 
_reflns_shell.pdbx_Rsym_value        ? 
_reflns_shell.meanI_over_sigI_obs    1.8 
_reflns_shell.pdbx_redundancy        2.9 
_reflns_shell.percent_possible_obs   ? 
_reflns_shell.number_unique_all      421 
_reflns_shell.number_measured_all    ? 
_reflns_shell.number_measured_obs    ? 
_reflns_shell.number_unique_obs      ? 
_reflns_shell.pdbx_chi_squared       ? 
_reflns_shell.pdbx_ordinal           1 
_reflns_shell.pdbx_diffrn_id         1 
# 
_refine.entry_id                                 4ROY 
_refine.ls_number_reflns_obs                     2655 
_refine.ls_number_reflns_all                     ? 
_refine.pdbx_ls_sigma_I                          ? 
_refine.pdbx_ls_sigma_F                          . 
_refine.pdbx_data_cutoff_high_absF               ? 
_refine.pdbx_data_cutoff_low_absF                ? 
_refine.pdbx_data_cutoff_high_rms_absF           ? 
_refine.ls_d_res_low                             35.02 
_refine.ls_d_res_high                            2.09 
_refine.ls_percent_reflns_obs                    99.19 
_refine.ls_R_factor_obs                          0.22437 
_refine.ls_R_factor_all                          ? 
_refine.ls_R_factor_R_work                       0.22167 
_refine.ls_R_factor_R_free                       0.25032 
_refine.ls_R_factor_R_free_error                 ? 
_refine.ls_R_factor_R_free_error_details         ? 
_refine.ls_percent_reflns_R_free                 9.3 
_refine.ls_number_reflns_R_free                  272 
_refine.ls_number_parameters                     ? 
_refine.ls_number_restraints                     ? 
_refine.occupancy_min                            ? 
_refine.occupancy_max                            ? 
_refine.correlation_coeff_Fo_to_Fc               0.964 
_refine.correlation_coeff_Fo_to_Fc_free          0.954 
_refine.B_iso_mean                               75.967 
_refine.aniso_B[1][1]                            0.48 
_refine.aniso_B[2][2]                            0.48 
_refine.aniso_B[3][3]                            -1.56 
_refine.aniso_B[1][2]                            0.24 
_refine.aniso_B[1][3]                            -0.00 
_refine.aniso_B[2][3]                            0.00 
_refine.solvent_model_details                    MASK 
_refine.solvent_model_param_ksol                 ? 
_refine.solvent_model_param_bsol                 ? 
_refine.pdbx_solvent_vdw_probe_radii             1.20 
_refine.pdbx_solvent_ion_probe_radii             1.10 
_refine.pdbx_solvent_shrinkage_radii             1.10 
_refine.pdbx_ls_cross_valid_method               THROUGHOUT 
_refine.details                                  'HYDROGENS HAVE BEEN ADDED IN THE RIDING POSITIONS' 
_refine.pdbx_starting_model                      'PDB ENTRY 1p1y' 
_refine.pdbx_method_to_determine_struct          'MOLECULAR REPLACEMENT' 
_refine.pdbx_isotropic_thermal_model             ? 
_refine.pdbx_stereochemistry_target_values       'MAXIMUM LIKELIHOOD' 
_refine.pdbx_stereochem_target_val_spec_case     ? 
_refine.pdbx_R_Free_selection_details            RANDOM 
_refine.pdbx_overall_ESU_R                       0.192 
_refine.pdbx_overall_ESU_R_Free                  0.169 
_refine.overall_SU_ML                            0.169 
_refine.pdbx_overall_phase_error                 ? 
_refine.overall_SU_B                             15.015 
_refine.overall_SU_R_Cruickshank_DPI             ? 
_refine.ls_redundancy_reflns_obs                 ? 
_refine.B_iso_min                                ? 
_refine.B_iso_max                                ? 
_refine.overall_SU_R_free                        ? 
_refine.ls_wR_factor_R_free                      ? 
_refine.ls_wR_factor_R_work                      ? 
_refine.overall_FOM_free_R_set                   ? 
_refine.overall_FOM_work_R_set                   ? 
_refine.pdbx_diffrn_id                           1 
_refine.pdbx_refine_id                           'X-RAY DIFFRACTION' 
_refine.pdbx_TLS_residual_ADP_flag               ? 
_refine.pdbx_overall_SU_R_free_Cruickshank_DPI   ? 
_refine.pdbx_overall_SU_R_Blow_DPI               ? 
_refine.pdbx_overall_SU_R_free_Blow_DPI          ? 
# 
_refine_hist.pdbx_refine_id                   'X-RAY DIFFRACTION' 
_refine_hist.cycle_id                         LAST 
_refine_hist.pdbx_number_atoms_protein        0 
_refine_hist.pdbx_number_atoms_nucleic_acid   254 
_refine_hist.pdbx_number_atoms_ligand         1 
_refine_hist.number_atoms_solvent             4 
_refine_hist.number_atoms_total               259 
_refine_hist.d_res_high                       2.09 
_refine_hist.d_res_low                        35.02 
# 
loop_
_refine_ls_restr.type 
_refine_ls_restr.dev_ideal 
_refine_ls_restr.dev_ideal_target 
_refine_ls_restr.weight 
_refine_ls_restr.number 
_refine_ls_restr.pdbx_restraint_function 
_refine_ls_restr.pdbx_refine_id 
r_bond_refined_d             0.005 0.011  ? 286 ? 'X-RAY DIFFRACTION' 
r_bond_other_d               0.002 0.020  ? 134 ? 'X-RAY DIFFRACTION' 
r_angle_refined_deg          1.014 1.150  ? 442 ? 'X-RAY DIFFRACTION' 
r_angle_other_deg            1.563 3.000  ? 316 ? 'X-RAY DIFFRACTION' 
r_dihedral_angle_1_deg       ?     ?      ? ?   ? 'X-RAY DIFFRACTION' 
r_dihedral_angle_2_deg       ?     ?      ? ?   ? 'X-RAY DIFFRACTION' 
r_dihedral_angle_3_deg       ?     ?      ? ?   ? 'X-RAY DIFFRACTION' 
r_dihedral_angle_4_deg       ?     ?      ? ?   ? 'X-RAY DIFFRACTION' 
r_chiral_restr               0.066 0.200  ? 36  ? 'X-RAY DIFFRACTION' 
r_gen_planes_refined         0.009 0.020  ? 153 ? 'X-RAY DIFFRACTION' 
r_gen_planes_other           0.001 0.020  ? 66  ? 'X-RAY DIFFRACTION' 
r_nbd_refined                ?     ?      ? ?   ? 'X-RAY DIFFRACTION' 
r_nbd_other                  ?     ?      ? ?   ? 'X-RAY DIFFRACTION' 
r_nbtor_refined              ?     ?      ? ?   ? 'X-RAY DIFFRACTION' 
r_nbtor_other                ?     ?      ? ?   ? 'X-RAY DIFFRACTION' 
r_xyhbond_nbd_refined        ?     ?      ? ?   ? 'X-RAY DIFFRACTION' 
r_xyhbond_nbd_other          ?     ?      ? ?   ? 'X-RAY DIFFRACTION' 
r_metal_ion_refined          ?     ?      ? ?   ? 'X-RAY DIFFRACTION' 
r_metal_ion_other            ?     ?      ? ?   ? 'X-RAY DIFFRACTION' 
r_symmetry_vdw_refined       ?     ?      ? ?   ? 'X-RAY DIFFRACTION' 
r_symmetry_vdw_other         ?     ?      ? ?   ? 'X-RAY DIFFRACTION' 
r_symmetry_hbond_refined     ?     ?      ? ?   ? 'X-RAY DIFFRACTION' 
r_symmetry_hbond_other       ?     ?      ? ?   ? 'X-RAY DIFFRACTION' 
r_symmetry_metal_ion_refined ?     ?      ? ?   ? 'X-RAY DIFFRACTION' 
r_symmetry_metal_ion_other   ?     ?      ? ?   ? 'X-RAY DIFFRACTION' 
r_mcbond_it                  ?     ?      ? ?   ? 'X-RAY DIFFRACTION' 
r_mcbond_other               ?     ?      ? ?   ? 'X-RAY DIFFRACTION' 
r_mcangle_it                 ?     ?      ? ?   ? 'X-RAY DIFFRACTION' 
r_mcangle_other              ?     ?      ? ?   ? 'X-RAY DIFFRACTION' 
r_scbond_it                  3.085 3.255  ? 286 ? 'X-RAY DIFFRACTION' 
r_scbond_other               3.083 3.227  ? 284 ? 'X-RAY DIFFRACTION' 
r_scangle_it                 ?     ?      ? ?   ? 'X-RAY DIFFRACTION' 
r_scangle_other              5.130 4.889  ? 440 ? 'X-RAY DIFFRACTION' 
r_long_range_B_refined       6.133 29.443 ? 412 ? 'X-RAY DIFFRACTION' 
r_long_range_B_other         6.125 29.420 ? 413 ? 'X-RAY DIFFRACTION' 
r_rigid_bond_restr           ?     ?      ? ?   ? 'X-RAY DIFFRACTION' 
r_sphericity_free            ?     ?      ? ?   ? 'X-RAY DIFFRACTION' 
r_sphericity_bonded          ?     ?      ? ?   ? 'X-RAY DIFFRACTION' 
# 
_refine_ls_shell.pdbx_total_number_of_bins_used   20 
_refine_ls_shell.d_res_high                       2.085 
_refine_ls_shell.d_res_low                        2.139 
_refine_ls_shell.number_reflns_R_work             204 
_refine_ls_shell.R_factor_R_work                  0.452 
_refine_ls_shell.percent_reflns_obs               97.81 
_refine_ls_shell.R_factor_R_free                  0.532 
_refine_ls_shell.R_factor_R_free_error            ? 
_refine_ls_shell.percent_reflns_R_free            ? 
_refine_ls_shell.number_reflns_R_free             19 
_refine_ls_shell.number_reflns_all                ? 
_refine_ls_shell.R_factor_all                     ? 
_refine_ls_shell.number_reflns_obs                ? 
_refine_ls_shell.redundancy_reflns_obs            ? 
_refine_ls_shell.pdbx_refine_id                   'X-RAY DIFFRACTION' 
# 
_struct.entry_id                  4ROY 
_struct.title                     'Sequence and structure of a self-assembled 3-D DNA crystal: D(GGACGATCGGGAG)' 
_struct.pdbx_model_details        ? 
_struct.pdbx_CASP_flag            ? 
_struct.pdbx_model_type_details   ? 
# 
_struct_keywords.entry_id        4ROY 
_struct_keywords.pdbx_keywords   DNA 
_struct_keywords.text            'Self-assembling 3D DNA crystal, DNA' 
# 
loop_
_struct_asym.id 
_struct_asym.pdbx_blank_PDB_chainid_flag 
_struct_asym.pdbx_modified 
_struct_asym.entity_id 
_struct_asym.details 
A N N 1 ? 
B N N 2 ? 
C N N 3 ? 
# 
_struct_biol.id        1 
_struct_biol.details   ? 
# 
loop_
_struct_conn.id 
_struct_conn.conn_type_id 
_struct_conn.pdbx_leaving_atom_flag 
_struct_conn.pdbx_PDB_id 
_struct_conn.ptnr1_label_asym_id 
_struct_conn.ptnr1_label_comp_id 
_struct_conn.ptnr1_label_seq_id 
_struct_conn.ptnr1_label_atom_id 
_struct_conn.pdbx_ptnr1_label_alt_id 
_struct_conn.pdbx_ptnr1_PDB_ins_code 
_struct_conn.pdbx_ptnr1_standard_comp_id 
_struct_conn.ptnr1_symmetry 
_struct_conn.ptnr2_label_asym_id 
_struct_conn.ptnr2_label_comp_id 
_struct_conn.ptnr2_label_seq_id 
_struct_conn.ptnr2_label_atom_id 
_struct_conn.pdbx_ptnr2_label_alt_id 
_struct_conn.pdbx_ptnr2_PDB_ins_code 
_struct_conn.ptnr1_auth_asym_id 
_struct_conn.ptnr1_auth_comp_id 
_struct_conn.ptnr1_auth_seq_id 
_struct_conn.ptnr2_auth_asym_id 
_struct_conn.ptnr2_auth_comp_id 
_struct_conn.ptnr2_auth_seq_id 
_struct_conn.ptnr2_symmetry 
_struct_conn.pdbx_ptnr3_label_atom_id 
_struct_conn.pdbx_ptnr3_label_seq_id 
_struct_conn.pdbx_ptnr3_label_comp_id 
_struct_conn.pdbx_ptnr3_label_asym_id 
_struct_conn.pdbx_ptnr3_label_alt_id 
_struct_conn.pdbx_ptnr3_PDB_ins_code 
_struct_conn.details 
_struct_conn.pdbx_dist_value 
_struct_conn.pdbx_value_order 
_struct_conn.pdbx_role 
metalc1 metalc ? ? B MG . MG ? ? ? 1_555 C HOH .  O  ? ? A MG 101 A HOH 201 1_555 ? ? ? ? ? ? ?           2.383 ? ? 
hydrog1 hydrog ? ? A DG 1 N7 ? ? ? 1_555 A DG  10 N1 ? ? A DG 1   A DG  10  5_555 ? ? ? ? ? ? TYPE_7_PAIR ?     ? ? 
hydrog2 hydrog ? ? A DG 1 O6 ? ? ? 1_555 A DG  10 N2 ? ? A DG 1   A DG  10  5_555 ? ? ? ? ? ? TYPE_7_PAIR ?     ? ? 
hydrog3 hydrog ? ? A DG 2 N2 ? ? ? 1_555 A DG  11 N3 ? ? A DG 2   A DG  11  5_555 ? ? ? ? ? ? TYPE_4_PAIR ?     ? ? 
hydrog4 hydrog ? ? A DG 2 N3 ? ? ? 1_555 A DG  11 N2 ? ? A DG 2   A DG  11  5_555 ? ? ? ? ? ? TYPE_4_PAIR ?     ? ? 
hydrog5 hydrog ? ? A DA 3 N6 ? ? ? 1_555 A DA  12 N7 ? ? A DA 3   A DA  12  5_555 ? ? ? ? ? ? TYPE_2_PAIR ?     ? ? 
hydrog6 hydrog ? ? A DA 3 N7 ? ? ? 1_555 A DA  12 N6 ? ? A DA 3   A DA  12  5_555 ? ? ? ? ? ? TYPE_2_PAIR ?     ? ? 
# 
loop_
_struct_conn_type.id 
_struct_conn_type.criteria 
_struct_conn_type.reference 
metalc ? ? 
hydrog ? ? 
# 
_struct_site.id                   AC1 
_struct_site.pdbx_evidence_code   Software 
_struct_site.pdbx_auth_asym_id    A 
_struct_site.pdbx_auth_comp_id    MG 
_struct_site.pdbx_auth_seq_id     101 
_struct_site.pdbx_auth_ins_code   ? 
_struct_site.pdbx_num_residues    2 
_struct_site.details              'BINDING SITE FOR RESIDUE MG A 101' 
# 
loop_
_struct_site_gen.id 
_struct_site_gen.site_id 
_struct_site_gen.pdbx_num_res 
_struct_site_gen.label_comp_id 
_struct_site_gen.label_asym_id 
_struct_site_gen.label_seq_id 
_struct_site_gen.pdbx_auth_ins_code 
_struct_site_gen.auth_comp_id 
_struct_site_gen.auth_asym_id 
_struct_site_gen.auth_seq_id 
_struct_site_gen.label_atom_id 
_struct_site_gen.label_alt_id 
_struct_site_gen.symmetry 
_struct_site_gen.details 
1 AC1 2 DA  A 3 ? DA  A 3   . ? 1_555 ? 
2 AC1 2 HOH C . ? HOH A 201 . ? 1_555 ? 
# 
_atom_sites.entry_id                    4ROY 
_atom_sites.fract_transf_matrix[1][1]   0.01860206 
_atom_sites.fract_transf_matrix[1][2]   -0.00131439 
_atom_sites.fract_transf_matrix[1][3]   -0.02162093 
_atom_sites.fract_transf_matrix[2][1]   0.01863711 
_atom_sites.fract_transf_matrix[2][2]   0.02123661 
_atom_sites.fract_transf_matrix[2][3]   -0.00410866 
_atom_sites.fract_transf_matrix[3][1]   0.01253041 
_atom_sites.fract_transf_matrix[3][2]   -0.00880725 
_atom_sites.fract_transf_matrix[3][3]   0.01131624 
_atom_sites.fract_transf_vector[1]      0.064394 
_atom_sites.fract_transf_vector[2]      -0.419340 
_atom_sites.fract_transf_vector[3]      -0.227830 
# 
loop_
_atom_type.symbol 
C  
MG 
N  
O  
P  
# 
loop_
_atom_site.group_PDB 
_atom_site.id 
_atom_site.type_symbol 
_atom_site.label_atom_id 
_atom_site.label_alt_id 
_atom_site.label_comp_id 
_atom_site.label_asym_id 
_atom_site.label_entity_id 
_atom_site.label_seq_id 
_atom_site.pdbx_PDB_ins_code 
_atom_site.Cartn_x 
_atom_site.Cartn_y 
_atom_site.Cartn_z 
_atom_site.occupancy 
_atom_site.B_iso_or_equiv 
_atom_site.pdbx_formal_charge 
_atom_site.auth_seq_id 
_atom_site.auth_comp_id 
_atom_site.auth_asym_id 
_atom_site.auth_atom_id 
_atom_site.pdbx_PDB_model_num 
ATOM   1   O  "O5'" . DG  A 1 1  ? 4.262  -9.173  20.813  1.00 81.55  ? 1   DG  A "O5'" 1 
ATOM   2   C  "C5'" . DG  A 1 1  ? 2.934  -9.087  21.370  1.00 82.23  ? 1   DG  A "C5'" 1 
ATOM   3   C  "C4'" . DG  A 1 1  ? 1.935  -8.735  20.292  1.00 78.04  ? 1   DG  A "C4'" 1 
ATOM   4   O  "O4'" . DG  A 1 1  ? 2.224  -7.411  19.783  1.00 74.73  ? 1   DG  A "O4'" 1 
ATOM   5   C  "C3'" . DG  A 1 1  ? 1.944  -9.654  19.070  1.00 74.76  ? 1   DG  A "C3'" 1 
ATOM   6   O  "O3'" . DG  A 1 1  ? 0.609  -9.731  18.558  1.00 76.23  ? 1   DG  A "O3'" 1 
ATOM   7   C  "C2'" . DG  A 1 1  ? 2.849  -8.913  18.104  1.00 70.28  ? 1   DG  A "C2'" 1 
ATOM   8   C  "C1'" . DG  A 1 1  ? 2.411  -7.486  18.375  1.00 69.41  ? 1   DG  A "C1'" 1 
ATOM   9   N  N9    . DG  A 1 1  ? 3.350  -6.438  17.991  1.00 65.19  ? 1   DG  A N9    1 
ATOM   10  C  C8    . DG  A 1 1  ? 3.101  -5.379  17.153  1.00 63.14  ? 1   DG  A C8    1 
ATOM   11  N  N7    . DG  A 1 1  ? 4.124  -4.580  17.022  1.00 63.13  ? 1   DG  A N7    1 
ATOM   12  C  C5    . DG  A 1 1  ? 5.102  -5.136  17.835  1.00 64.73  ? 1   DG  A C5    1 
ATOM   13  C  C6    . DG  A 1 1  ? 6.432  -4.707  18.105  1.00 67.99  ? 1   DG  A C6    1 
ATOM   14  O  O6    . DG  A 1 1  ? 7.030  -3.717  17.661  1.00 70.19  ? 1   DG  A O6    1 
ATOM   15  N  N1    . DG  A 1 1  ? 7.070  -5.558  19.001  1.00 69.19  ? 1   DG  A N1    1 
ATOM   16  C  C2    . DG  A 1 1  ? 6.511  -6.680  19.558  1.00 69.21  ? 1   DG  A C2    1 
ATOM   17  N  N2    . DG  A 1 1  ? 7.293  -7.379  20.389  1.00 76.09  ? 1   DG  A N2    1 
ATOM   18  N  N3    . DG  A 1 1  ? 5.279  -7.095  19.310  1.00 67.15  ? 1   DG  A N3    1 
ATOM   19  C  C4    . DG  A 1 1  ? 4.637  -6.281  18.445  1.00 65.08  ? 1   DG  A C4    1 
ATOM   20  P  P     . DG  A 1 2  ? 0.258  -10.641 17.269  1.00 79.42  ? 2   DG  A P     1 
ATOM   21  O  OP1   . DG  A 1 2  ? -1.223 -10.827 17.235  1.00 80.43  ? 2   DG  A OP1   1 
ATOM   22  O  OP2   . DG  A 1 2  ? 1.178  -11.810 17.230  1.00 80.22  ? 2   DG  A OP2   1 
ATOM   23  O  "O5'" . DG  A 1 2  ? 0.735  -9.770  16.019  1.00 75.04  ? 2   DG  A "O5'" 1 
ATOM   24  C  "C5'" . DG  A 1 2  ? -0.014 -8.625  15.566  1.00 70.86  ? 2   DG  A "C5'" 1 
ATOM   25  C  "C4'" . DG  A 1 2  ? 0.689  -8.002  14.384  1.00 66.19  ? 2   DG  A "C4'" 1 
ATOM   26  O  "O4'" . DG  A 1 2  ? 1.978  -7.478  14.783  1.00 62.05  ? 2   DG  A "O4'" 1 
ATOM   27  C  "C3'" . DG  A 1 2  ? 0.969  -8.979  13.241  1.00 63.65  ? 2   DG  A "C3'" 1 
ATOM   28  O  "O3'" . DG  A 1 2  ? 0.707  -8.313  12.007  1.00 65.23  ? 2   DG  A "O3'" 1 
ATOM   29  C  "C2'" . DG  A 1 2  ? 2.451  -9.265  13.370  1.00 62.14  ? 2   DG  A "C2'" 1 
ATOM   30  C  "C1'" . DG  A 1 2  ? 2.957  -7.930  13.865  1.00 60.04  ? 2   DG  A "C1'" 1 
ATOM   31  N  N9    . DG  A 1 2  ? 4.234  -7.970  14.561  1.00 60.08  ? 2   DG  A N9    1 
ATOM   32  C  C8    . DG  A 1 2  ? 4.720  -8.977  15.363  1.00 60.33  ? 2   DG  A C8    1 
ATOM   33  N  N7    . DG  A 1 2  ? 5.897  -8.711  15.859  1.00 60.79  ? 2   DG  A N7    1 
ATOM   34  C  C5    . DG  A 1 2  ? 6.204  -7.450  15.366  1.00 59.54  ? 2   DG  A C5    1 
ATOM   35  C  C6    . DG  A 1 2  ? 7.350  -6.640  15.566  1.00 61.12  ? 2   DG  A C6    1 
ATOM   36  O  O6    . DG  A 1 2  ? 8.360  -6.887  16.237  1.00 67.50  ? 2   DG  A O6    1 
ATOM   37  N  N1    . DG  A 1 2  ? 7.246  -5.430  14.885  1.00 57.65  ? 2   DG  A N1    1 
ATOM   38  C  C2    . DG  A 1 2  ? 6.190  -5.061  14.086  1.00 54.60  ? 2   DG  A C2    1 
ATOM   39  N  N2    . DG  A 1 2  ? 6.278  -3.857  13.507  1.00 53.95  ? 2   DG  A N2    1 
ATOM   40  N  N3    . DG  A 1 2  ? 5.114  -5.806  13.893  1.00 54.78  ? 2   DG  A N3    1 
ATOM   41  C  C4    . DG  A 1 2  ? 5.189  -6.980  14.559  1.00 57.90  ? 2   DG  A C4    1 
ATOM   42  P  P     . DA  A 1 3  ? -0.219 -9.004  10.903  1.00 65.28  ? 3   DA  A P     1 
ATOM   43  O  OP1   . DA  A 1 3  ? -1.313 -9.730  11.603  1.00 73.01  ? 3   DA  A OP1   1 
ATOM   44  O  OP2   . DA  A 1 3  ? 0.659  -9.727  9.955   1.00 63.91  ? 3   DA  A OP2   1 
ATOM   45  O  "O5'" . DA  A 1 3  ? -0.841 -7.757  10.140  1.00 67.18  ? 3   DA  A "O5'" 1 
ATOM   46  C  "C5'" . DA  A 1 3  ? -1.113 -6.500  10.790  1.00 66.23  ? 3   DA  A "C5'" 1 
ATOM   47  C  "C4'" . DA  A 1 3  ? -1.364 -5.438  9.744   1.00 64.27  ? 3   DA  A "C4'" 1 
ATOM   48  O  "O4'" . DA  A 1 3  ? -0.138 -4.710  9.515   1.00 59.41  ? 3   DA  A "O4'" 1 
ATOM   49  C  "C3'" . DA  A 1 3  ? -1.776 -5.954  8.365   1.00 64.68  ? 3   DA  A "C3'" 1 
ATOM   50  O  "O3'" . DA  A 1 3  ? -2.532 -4.955  7.641   1.00 68.36  ? 3   DA  A "O3'" 1 
ATOM   51  C  "C2'" . DA  A 1 3  ? -0.428 -6.215  7.713   1.00 59.70  ? 3   DA  A "C2'" 1 
ATOM   52  C  "C1'" . DA  A 1 3  ? 0.419  -5.059  8.250   1.00 57.76  ? 3   DA  A "C1'" 1 
ATOM   53  N  N9    . DA  A 1 3  ? 1.854  -5.293  8.452   1.00 53.31  ? 3   DA  A N9    1 
ATOM   54  C  C8    . DA  A 1 3  ? 2.437  -6.163  9.341   1.00 56.11  ? 3   DA  A C8    1 
ATOM   55  N  N7    . DA  A 1 3  ? 3.748  -6.126  9.335   1.00 53.94  ? 3   DA  A N7    1 
ATOM   56  C  C5    . DA  A 1 3  ? 4.049  -5.133  8.414   1.00 51.99  ? 3   DA  A C5    1 
ATOM   57  C  C6    . DA  A 1 3  ? 5.268  -4.582  7.979   1.00 51.06  ? 3   DA  A C6    1 
ATOM   58  N  N6    . DA  A 1 3  ? 6.459  -4.987  8.416   1.00 52.81  ? 3   DA  A N6    1 
ATOM   59  N  N1    . DA  A 1 3  ? 5.222  -3.601  7.048   1.00 49.89  ? 3   DA  A N1    1 
ATOM   60  C  C2    . DA  A 1 3  ? 4.026  -3.193  6.610   1.00 49.47  ? 3   DA  A C2    1 
ATOM   61  N  N3    . DA  A 1 3  ? 2.810  -3.620  6.956   1.00 54.51  ? 3   DA  A N3    1 
ATOM   62  C  C4    . DA  A 1 3  ? 2.891  -4.600  7.874   1.00 53.22  ? 3   DA  A C4    1 
ATOM   63  P  P     . DC  A 1 4  ? -4.154 -4.774  7.830   1.00 74.28  ? 4   DC  A P     1 
ATOM   64  O  OP1   . DC  A 1 4  ? -4.611 -3.738  6.854   1.00 79.51  ? 4   DC  A OP1   1 
ATOM   65  O  OP2   . DC  A 1 4  ? -4.475 -4.604  9.283   1.00 77.40  ? 4   DC  A OP2   1 
ATOM   66  O  "O5'" . DC  A 1 4  ? -4.724 -6.189  7.381   1.00 72.69  ? 4   DC  A "O5'" 1 
ATOM   67  C  "C5'" . DC  A 1 4  ? -4.535 -6.643  6.038   1.00 69.31  ? 4   DC  A "C5'" 1 
ATOM   68  C  "C4'" . DC  A 1 4  ? -5.448 -7.814  5.780   1.00 75.33  ? 4   DC  A "C4'" 1 
ATOM   69  O  "O4'" . DC  A 1 4  ? -6.803 -7.493  6.178   1.00 78.03  ? 4   DC  A "O4'" 1 
ATOM   70  C  "C3'" . DC  A 1 4  ? -5.522 -8.219  4.315   1.00 78.66  ? 4   DC  A "C3'" 1 
ATOM   71  O  "O3'" . DC  A 1 4  ? -5.523 -9.643  4.209   1.00 88.68  ? 4   DC  A "O3'" 1 
ATOM   72  C  "C2'" . DC  A 1 4  ? -6.781 -7.539  3.806   1.00 80.05  ? 4   DC  A "C2'" 1 
ATOM   73  C  "C1'" . DC  A 1 4  ? -7.618 -7.242  5.040   1.00 80.14  ? 4   DC  A "C1'" 1 
ATOM   74  N  N1    . DC  A 1 4  ? -8.101 -5.853  5.116   1.00 76.70  ? 4   DC  A N1    1 
ATOM   75  C  C2    . DC  A 1 4  ? -8.992 -5.405  4.141   1.00 79.48  ? 4   DC  A C2    1 
ATOM   76  O  O2    . DC  A 1 4  ? -9.344 -6.188  3.246   1.00 82.18  ? 4   DC  A O2    1 
ATOM   77  N  N3    . DC  A 1 4  ? -9.463 -4.139  4.206   1.00 81.25  ? 4   DC  A N3    1 
ATOM   78  C  C4    . DC  A 1 4  ? -9.073 -3.333  5.197   1.00 80.13  ? 4   DC  A C4    1 
ATOM   79  N  N4    . DC  A 1 4  ? -9.569 -2.094  5.226   1.00 85.31  ? 4   DC  A N4    1 
ATOM   80  C  C5    . DC  A 1 4  ? -8.163 -3.763  6.203   1.00 75.95  ? 4   DC  A C5    1 
ATOM   81  C  C6    . DC  A 1 4  ? -7.705 -5.018  6.125   1.00 74.35  ? 4   DC  A C6    1 
ATOM   82  P  P     . DG  A 1 5  ? -4.276 -10.372 3.537   1.00 94.51  ? 5   DG  A P     1 
ATOM   83  O  OP1   . DG  A 1 5  ? -4.495 -11.842 3.655   1.00 103.24 ? 5   DG  A OP1   1 
ATOM   84  O  OP2   . DG  A 1 5  ? -3.028 -9.758  4.079   1.00 92.31  ? 5   DG  A OP2   1 
ATOM   85  O  "O5'" . DG  A 1 5  ? -4.435 -9.975  2.008   1.00 85.16  ? 5   DG  A "O5'" 1 
ATOM   86  C  "C5'" . DG  A 1 5  ? -5.466 -10.601 1.233   1.00 91.57  ? 5   DG  A "C5'" 1 
ATOM   87  C  "C4'" . DG  A 1 5  ? -5.935 -9.673  0.139   1.00 93.31  ? 5   DG  A "C4'" 1 
ATOM   88  O  "O4'" . DG  A 1 5  ? -6.351 -8.408  0.701   1.00 89.39  ? 5   DG  A "O4'" 1 
ATOM   89  C  "C3'" . DG  A 1 5  ? -4.887 -9.339  -0.924  1.00 92.99  ? 5   DG  A "C3'" 1 
ATOM   90  O  "O3'" . DG  A 1 5  ? -5.521 -9.535  -2.194  1.00 100.95 ? 5   DG  A "O3'" 1 
ATOM   91  C  "C2'" . DG  A 1 5  ? -4.511 -7.894  -0.619  1.00 85.68  ? 5   DG  A "C2'" 1 
ATOM   92  C  "C1'" . DG  A 1 5  ? -5.825 -7.354  -0.091  1.00 84.01  ? 5   DG  A "C1'" 1 
ATOM   93  N  N9    . DG  A 1 5  ? -5.798 -6.153  0.739   1.00 74.24  ? 5   DG  A N9    1 
ATOM   94  C  C8    . DG  A 1 5  ? -4.968 -5.879  1.800   1.00 72.23  ? 5   DG  A C8    1 
ATOM   95  N  N7    . DG  A 1 5  ? -5.244 -4.746  2.389   1.00 69.22  ? 5   DG  A N7    1 
ATOM   96  C  C5    . DG  A 1 5  ? -6.342 -4.259  1.694   1.00 69.61  ? 5   DG  A C5    1 
ATOM   97  C  C6    . DG  A 1 5  ? -7.085 -3.061  1.870   1.00 70.34  ? 5   DG  A C6    1 
ATOM   98  O  O6    . DG  A 1 5  ? -6.923 -2.168  2.713   1.00 69.55  ? 5   DG  A O6    1 
ATOM   99  N  N1    . DG  A 1 5  ? -8.101 -2.949  0.927   1.00 73.35  ? 5   DG  A N1    1 
ATOM   100 C  C2    . DG  A 1 5  ? -8.383 -3.879  -0.048  1.00 76.73  ? 5   DG  A C2    1 
ATOM   101 N  N2    . DG  A 1 5  ? -9.416 -3.601  -0.856  1.00 82.00  ? 5   DG  A N2    1 
ATOM   102 N  N3    . DG  A 1 5  ? -7.705 -5.002  -0.213  1.00 75.36  ? 5   DG  A N3    1 
ATOM   103 C  C4    . DG  A 1 5  ? -6.698 -5.119  0.676   1.00 71.72  ? 5   DG  A C4    1 
ATOM   104 P  P     . DA  A 1 6  ? -4.664 -9.607  -3.543  1.00 107.33 ? 6   DA  A P     1 
ATOM   105 O  OP1   . DA  A 1 6  ? -4.952 -10.919 -4.206  1.00 109.56 ? 6   DA  A OP1   1 
ATOM   106 O  OP2   . DA  A 1 6  ? -3.265 -9.192  -3.232  1.00 95.95  ? 6   DA  A OP2   1 
ATOM   107 O  "O5'" . DA  A 1 6  ? -5.327 -8.468  -4.434  1.00 103.39 ? 6   DA  A "O5'" 1 
ATOM   108 C  "C5'" . DA  A 1 6  ? -6.742 -8.477  -4.687  1.00 105.66 ? 6   DA  A "C5'" 1 
ATOM   109 C  "C4'" . DA  A 1 6  ? -7.164 -7.143  -5.253  1.00 103.55 ? 6   DA  A "C4'" 1 
ATOM   110 O  "O4'" . DA  A 1 6  ? -7.099 -6.139  -4.214  1.00 94.39  ? 6   DA  A "O4'" 1 
ATOM   111 C  "C3'" . DA  A 1 6  ? -6.278 -6.635  -6.391  1.00 102.42 ? 6   DA  A "C3'" 1 
ATOM   112 O  "O3'" . DA  A 1 6  ? -7.114 -6.132  -7.438  1.00 113.41 ? 6   DA  A "O3'" 1 
ATOM   113 C  "C2'" . DA  A 1 6  ? -5.400 -5.586  -5.725  1.00 92.77  ? 6   DA  A "C2'" 1 
ATOM   114 C  "C1'" . DA  A 1 6  ? -6.315 -5.042  -4.646  1.00 88.10  ? 6   DA  A "C1'" 1 
ATOM   115 N  N9    . DA  A 1 6  ? -5.647 -4.496  -3.471  1.00 76.14  ? 6   DA  A N9    1 
ATOM   116 C  C8    . DA  A 1 6  ? -4.628 -5.051  -2.737  1.00 71.63  ? 6   DA  A C8    1 
ATOM   117 N  N7    . DA  A 1 6  ? -4.273 -4.331  -1.702  1.00 67.46  ? 6   DA  A N7    1 
ATOM   118 C  C5    . DA  A 1 6  ? -5.127 -3.236  -1.747  1.00 65.96  ? 6   DA  A C5    1 
ATOM   119 C  C6    . DA  A 1 6  ? -5.261 -2.103  -0.922  1.00 62.49  ? 6   DA  A C6    1 
ATOM   120 N  N6    . DA  A 1 6  ? -4.499 -1.873  0.148   1.00 58.93  ? 6   DA  A N6    1 
ATOM   121 N  N1    . DA  A 1 6  ? -6.218 -1.205  -1.238  1.00 64.05  ? 6   DA  A N1    1 
ATOM   122 C  C2    . DA  A 1 6  ? -6.978 -1.432  -2.317  1.00 70.43  ? 6   DA  A C2    1 
ATOM   123 N  N3    . DA  A 1 6  ? -6.941 -2.454  -3.175  1.00 73.70  ? 6   DA  A N3    1 
ATOM   124 C  C4    . DA  A 1 6  ? -5.983 -3.330  -2.828  1.00 71.38  ? 6   DA  A C4    1 
ATOM   125 P  P     . DT  A 1 7  ? -6.468 -5.587  -8.793  1.00 117.19 ? 7   DT  A P     1 
ATOM   126 O  OP1   . DT  A 1 7  ? -7.320 -6.057  -9.920  1.00 121.17 ? 7   DT  A OP1   1 
ATOM   127 O  OP2   . DT  A 1 7  ? -5.012 -5.909  -8.779  1.00 114.82 ? 7   DT  A OP2   1 
ATOM   128 O  "O5'" . DT  A 1 7  ? -6.571 -4.008  -8.615  1.00 110.57 ? 7   DT  A "O5'" 1 
ATOM   129 C  "C5'" . DT  A 1 7  ? -7.754 -3.396  -8.063  1.00 110.60 ? 7   DT  A "C5'" 1 
ATOM   130 C  "C4'" . DT  A 1 7  ? -7.534 -1.918  -7.840  1.00 105.35 ? 7   DT  A "C4'" 1 
ATOM   131 O  "O4'" . DT  A 1 7  ? -6.872 -1.709  -6.572  1.00 95.42  ? 7   DT  A "O4'" 1 
ATOM   132 C  "C3'" . DT  A 1 7  ? -6.676 -1.210  -8.897  1.00 103.19 ? 7   DT  A "C3'" 1 
ATOM   133 O  "O3'" . DT  A 1 7  ? -7.435 -0.135  -9.462  1.00 112.70 ? 7   DT  A "O3'" 1 
ATOM   134 C  "C2'" . DT  A 1 7  ? -5.435 -0.765  -8.136  1.00 93.54  ? 7   DT  A "C2'" 1 
ATOM   135 C  "C1'" . DT  A 1 7  ? -5.932 -0.660  -6.709  1.00 87.61  ? 7   DT  A "C1'" 1 
ATOM   136 N  N1    . DT  A 1 7  ? -4.905 -0.848  -5.674  1.00 77.13  ? 7   DT  A N1    1 
ATOM   137 C  C2    . DT  A 1 7  ? -4.813 0.065   -4.645  1.00 70.62  ? 7   DT  A C2    1 
ATOM   138 O  O2    . DT  A 1 7  ? -5.535 1.044   -4.554  1.00 73.99  ? 7   DT  A O2    1 
ATOM   139 N  N3    . DT  A 1 7  ? -3.850 -0.221  -3.712  1.00 65.45  ? 7   DT  A N3    1 
ATOM   140 C  C4    . DT  A 1 7  ? -3.000 -1.310  -3.698  1.00 64.05  ? 7   DT  A C4    1 
ATOM   141 O  O4    . DT  A 1 7  ? -2.183 -1.433  -2.790  1.00 61.04  ? 7   DT  A O4    1 
ATOM   142 C  C5    . DT  A 1 7  ? -3.158 -2.231  -4.805  1.00 68.34  ? 7   DT  A C5    1 
ATOM   143 C  C7    . DT  A 1 7  ? -2.273 -3.434  -4.883  1.00 68.69  ? 7   DT  A C7    1 
ATOM   144 C  C6    . DT  A 1 7  ? -4.097 -1.963  -5.716  1.00 71.93  ? 7   DT  A C6    1 
ATOM   145 P  P     . DC  A 1 8  ? -6.746 0.934   -10.449 1.00 116.26 ? 8   DC  A P     1 
ATOM   146 O  OP1   . DC  A 1 8  ? -7.778 1.388   -11.420 1.00 125.68 ? 8   DC  A OP1   1 
ATOM   147 O  OP2   . DC  A 1 8  ? -5.458 0.363   -10.946 1.00 107.02 ? 8   DC  A OP2   1 
ATOM   148 O  "O5'" . DC  A 1 8  ? -6.439 2.160   -9.476  1.00 112.04 ? 8   DC  A "O5'" 1 
ATOM   149 C  "C5'" . DC  A 1 8  ? -7.420 2.631   -8.521  1.00 109.44 ? 8   DC  A "C5'" 1 
ATOM   150 C  "C4'" . DC  A 1 8  ? -6.988 3.955   -7.932  1.00 104.31 ? 8   DC  A "C4'" 1 
ATOM   151 O  "O4'" . DC  A 1 8  ? -6.026 3.737   -6.873  1.00 96.61  ? 8   DC  A "O4'" 1 
ATOM   152 C  "C3'" . DC  A 1 8  ? -6.315 4.907   -8.921  1.00 103.66 ? 8   DC  A "C3'" 1 
ATOM   153 O  "O3'" . DC  A 1 8  ? -6.788 6.244   -8.720  1.00 110.30 ? 8   DC  A "O3'" 1 
ATOM   154 C  "C2'" . DC  A 1 8  ? -4.829 4.708   -8.661  1.00 94.82  ? 8   DC  A "C2'" 1 
ATOM   155 C  "C1'" . DC  A 1 8  ? -4.766 4.320   -7.191  1.00 88.99  ? 8   DC  A "C1'" 1 
ATOM   156 N  N1    . DC  A 1 8  ? -3.719 3.352   -6.801  1.00 76.75  ? 8   DC  A N1    1 
ATOM   157 C  C2    . DC  A 1 8  ? -3.101 3.508   -5.556  1.00 71.26  ? 8   DC  A C2    1 
ATOM   158 O  O2    . DC  A 1 8  ? -3.404 4.486   -4.853  1.00 73.44  ? 8   DC  A O2    1 
ATOM   159 N  N3    . DC  A 1 8  ? -2.184 2.598   -5.155  1.00 63.75  ? 8   DC  A N3    1 
ATOM   160 C  C4    . DC  A 1 8  ? -1.895 1.553   -5.935  1.00 63.70  ? 8   DC  A C4    1 
ATOM   161 N  N4    . DC  A 1 8  ? -0.979 0.684   -5.502  1.00 62.41  ? 8   DC  A N4    1 
ATOM   162 C  C5    . DC  A 1 8  ? -2.526 1.358   -7.197  1.00 66.97  ? 8   DC  A C5    1 
ATOM   163 C  C6    . DC  A 1 8  ? -3.428 2.270   -7.585  1.00 72.85  ? 8   DC  A C6    1 
ATOM   164 P  P     . DG  A 1 9  ? -6.330 7.419   -9.714  1.00 116.74 ? 9   DG  A P     1 
ATOM   165 O  OP1   . DG  A 1 9  ? -7.495 8.318   -9.934  1.00 128.20 ? 9   DG  A OP1   1 
ATOM   166 O  OP2   . DG  A 1 9  ? -5.630 6.816   -10.885 1.00 112.77 ? 9   DG  A OP2   1 
ATOM   167 O  "O5'" . DG  A 1 9  ? -5.237 8.192   -8.855  1.00 103.34 ? 9   DG  A "O5'" 1 
ATOM   168 C  "C5'" . DG  A 1 9  ? -5.368 8.358   -7.431  1.00 97.26  ? 9   DG  A "C5'" 1 
ATOM   169 C  "C4'" . DG  A 1 9  ? -4.085 8.937   -6.886  1.00 91.55  ? 9   DG  A "C4'" 1 
ATOM   170 O  "O4'" . DG  A 1 9  ? -3.172 7.853   -6.590  1.00 85.53  ? 9   DG  A "O4'" 1 
ATOM   171 C  "C3'" . DG  A 1 9  ? -3.348 9.849   -7.872  1.00 91.44  ? 9   DG  A "C3'" 1 
ATOM   172 O  "O3'" . DG  A 1 9  ? -2.782 10.985  -7.209  1.00 94.15  ? 9   DG  A "O3'" 1 
ATOM   173 C  "C2'" . DG  A 1 9  ? -2.304 8.930   -8.482  1.00 85.19  ? 9   DG  A "C2'" 1 
ATOM   174 C  "C1'" . DG  A 1 9  ? -1.954 8.051   -7.298  1.00 79.12  ? 9   DG  A "C1'" 1 
ATOM   175 N  N9    . DG  A 1 9  ? -1.388 6.738   -7.595  1.00 69.97  ? 9   DG  A N9    1 
ATOM   176 C  C8    . DG  A 1 9  ? -1.570 5.950   -8.709  1.00 68.23  ? 9   DG  A C8    1 
ATOM   177 N  N7    . DG  A 1 9  ? -0.921 4.818   -8.646  1.00 65.39  ? 9   DG  A N7    1 
ATOM   178 C  C5    . DG  A 1 9  ? -0.278 4.861   -7.413  1.00 61.34  ? 9   DG  A C5    1 
ATOM   179 C  C6    . DG  A 1 9  ? 0.591  3.922   -6.789  1.00 59.46  ? 9   DG  A C6    1 
ATOM   180 O  O6    . DG  A 1 9  ? 0.973  2.819   -7.206  1.00 63.04  ? 9   DG  A O6    1 
ATOM   181 N  N1    . DG  A 1 9  ? 1.026  4.377   -5.548  1.00 55.29  ? 9   DG  A N1    1 
ATOM   182 C  C2    . DG  A 1 9  ? 0.674  5.576   -4.979  1.00 55.28  ? 9   DG  A C2    1 
ATOM   183 N  N2    . DG  A 1 9  ? 1.201  5.837   -3.779  1.00 59.95  ? 9   DG  A N2    1 
ATOM   184 N  N3    . DG  A 1 9  ? -0.125 6.458   -5.549  1.00 59.18  ? 9   DG  A N3    1 
ATOM   185 C  C4    . DG  A 1 9  ? -0.557 6.041   -6.757  1.00 63.09  ? 9   DG  A C4    1 
ATOM   186 P  P     . DG  A 1 10 ? -2.500 12.331  -8.033  1.00 99.26  ? 10  DG  A P     1 
ATOM   187 O  OP1   . DG  A 1 10 ? -3.650 13.255  -7.822  1.00 108.30 ? 10  DG  A OP1   1 
ATOM   188 O  OP2   . DG  A 1 10 ? -2.093 11.952  -9.419  1.00 103.53 ? 10  DG  A OP2   1 
ATOM   189 O  "O5'" . DG  A 1 10 ? -1.208 12.930  -7.322  1.00 92.79  ? 10  DG  A "O5'" 1 
ATOM   190 C  "C5'" . DG  A 1 10 ? -1.013 12.776  -5.908  1.00 88.72  ? 10  DG  A "C5'" 1 
ATOM   191 C  "C4'" . DG  A 1 10 ? 0.415  12.379  -5.614  1.00 84.05  ? 10  DG  A "C4'" 1 
ATOM   192 O  "O4'" . DG  A 1 10 ? 0.649  10.989  -5.958  1.00 78.36  ? 10  DG  A "O4'" 1 
ATOM   193 C  "C3'" . DG  A 1 10 ? 1.487  13.183  -6.358  1.00 83.97  ? 10  DG  A "C3'" 1 
ATOM   194 O  "O3'" . DG  A 1 10 ? 2.522  13.475  -5.406  1.00 82.82  ? 10  DG  A "O3'" 1 
ATOM   195 C  "C2'" . DG  A 1 10 ? 1.941  12.224  -7.444  1.00 78.93  ? 10  DG  A "C2'" 1 
ATOM   196 C  "C1'" . DG  A 1 10 ? 1.863  10.918  -6.685  1.00 72.16  ? 10  DG  A "C1'" 1 
ATOM   197 N  N9    . DG  A 1 10 ? 1.855  9.689   -7.471  1.00 65.00  ? 10  DG  A N9    1 
ATOM   198 C  C8    . DG  A 1 10 ? 1.261  9.444   -8.686  1.00 64.87  ? 10  DG  A C8    1 
ATOM   199 N  N7    . DG  A 1 10 ? 1.458  8.226   -9.116  1.00 63.72  ? 10  DG  A N7    1 
ATOM   200 C  C5    . DG  A 1 10 ? 2.234  7.636   -8.125  1.00 59.07  ? 10  DG  A C5    1 
ATOM   201 C  C6    . DG  A 1 10 ? 2.769  6.320   -8.031  1.00 56.61  ? 10  DG  A C6    1 
ATOM   202 O  O6    . DG  A 1 10 ? 2.665  5.380   -8.832  1.00 59.42  ? 10  DG  A O6    1 
ATOM   203 N  N1    . DG  A 1 10 ? 3.495  6.150   -6.856  1.00 52.70  ? 10  DG  A N1    1 
ATOM   204 C  C2    . DG  A 1 10 ? 3.690  7.118   -5.899  1.00 52.88  ? 10  DG  A C2    1 
ATOM   205 N  N2    . DG  A 1 10 ? 4.431  6.768   -4.840  1.00 52.93  ? 10  DG  A N2    1 
ATOM   206 N  N3    . DG  A 1 10 ? 3.198  8.341   -5.977  1.00 55.99  ? 10  DG  A N3    1 
ATOM   207 C  C4    . DG  A 1 10 ? 2.488  8.529   -7.108  1.00 59.53  ? 10  DG  A C4    1 
ATOM   208 P  P     . DG  A 1 11 ? 3.752  14.448  -5.758  1.00 84.36  ? 11  DG  A P     1 
ATOM   209 O  OP1   . DG  A 1 11 ? 4.156  15.131  -4.500  1.00 90.30  ? 11  DG  A OP1   1 
ATOM   210 O  OP2   . DG  A 1 11 ? 3.409  15.249  -6.971  1.00 86.43  ? 11  DG  A OP2   1 
ATOM   211 O  "O5'" . DG  A 1 11 ? 4.925  13.420  -6.078  1.00 76.71  ? 11  DG  A "O5'" 1 
ATOM   212 C  "C5'" . DG  A 1 11 ? 5.300  12.403  -5.137  1.00 69.34  ? 11  DG  A "C5'" 1 
ATOM   213 C  "C4'" . DG  A 1 11 ? 6.366  11.536  -5.759  1.00 66.02  ? 11  DG  A "C4'" 1 
ATOM   214 O  "O4'" . DG  A 1 11 ? 5.797  10.808  -6.873  1.00 62.96  ? 11  DG  A "O4'" 1 
ATOM   215 C  "C3'" . DG  A 1 11 ? 7.527  12.335  -6.344  1.00 68.72  ? 11  DG  A "C3'" 1 
ATOM   216 O  "O3'" . DG  A 1 11 ? 8.735  11.581  -6.271  1.00 70.48  ? 11  DG  A "O3'" 1 
ATOM   217 C  "C2'" . DG  A 1 11 ? 7.116  12.536  -7.789  1.00 67.82  ? 11  DG  A "C2'" 1 
ATOM   218 C  "C1'" . DG  A 1 11 ? 6.384  11.240  -8.093  1.00 62.78  ? 11  DG  A "C1'" 1 
ATOM   219 N  N9    . DG  A 1 11 ? 5.328  11.333  -9.094  1.00 60.70  ? 11  DG  A N9    1 
ATOM   220 C  C8    . DG  A 1 11 ? 4.689  12.461  -9.557  1.00 62.34  ? 11  DG  A C8    1 
ATOM   221 N  N7    . DG  A 1 11 ? 3.799  12.205  -10.476 1.00 61.99  ? 11  DG  A N7    1 
ATOM   222 C  C5    . DG  A 1 11 ? 3.860  10.827  -10.637 1.00 61.80  ? 11  DG  A C5    1 
ATOM   223 C  C6    . DG  A 1 11 ? 3.122  9.967   -11.492 1.00 63.07  ? 11  DG  A C6    1 
ATOM   224 O  O6    . DG  A 1 11 ? 2.251  10.266  -12.319 1.00 69.20  ? 11  DG  A O6    1 
ATOM   225 N  N1    . DG  A 1 11 ? 3.510  8.637   -11.342 1.00 59.90  ? 11  DG  A N1    1 
ATOM   226 C  C2    . DG  A 1 11 ? 4.481  8.190   -10.475 1.00 59.17  ? 11  DG  A C2    1 
ATOM   227 N  N2    . DG  A 1 11 ? 4.705  6.865   -10.464 1.00 58.13  ? 11  DG  A N2    1 
ATOM   228 N  N3    . DG  A 1 11 ? 5.166  8.979   -9.664  1.00 58.27  ? 11  DG  A N3    1 
ATOM   229 C  C4    . DG  A 1 11 ? 4.805  10.276  -9.798  1.00 59.91  ? 11  DG  A C4    1 
ATOM   230 P  P     . DA  A 1 12 ? 10.132 12.318  -6.049  1.00 74.97  ? 12  DA  A P     1 
ATOM   231 O  OP1   . DA  A 1 12 ? 9.986  13.232  -4.887  1.00 79.71  ? 12  DA  A OP1   1 
ATOM   232 O  OP2   . DA  A 1 12 ? 10.599 12.869  -7.357  1.00 75.13  ? 12  DA  A OP2   1 
ATOM   233 O  "O5'" . DA  A 1 12 ? 11.037 11.100  -5.568  1.00 77.02  ? 12  DA  A "O5'" 1 
ATOM   234 C  "C5'" . DA  A 1 12 ? 10.675 10.358  -4.385  1.00 73.84  ? 12  DA  A "C5'" 1 
ATOM   235 C  "C4'" . DA  A 1 12 ? 11.062 8.906   -4.532  1.00 72.33  ? 12  DA  A "C4'" 1 
ATOM   236 O  "O4'" . DA  A 1 12 ? 10.282 8.309   -5.595  1.00 67.70  ? 12  DA  A "O4'" 1 
ATOM   237 C  "C3'" . DA  A 1 12 ? 12.530 8.681   -4.907  1.00 80.06  ? 12  DA  A "C3'" 1 
ATOM   238 O  "O3'" . DA  A 1 12 ? 13.109 7.566   -4.202  1.00 94.68  ? 12  DA  A "O3'" 1 
ATOM   239 C  "C2'" . DA  A 1 12 ? 12.466 8.393   -6.395  1.00 76.39  ? 12  DA  A "C2'" 1 
ATOM   240 C  "C1'" . DA  A 1 12 ? 11.158 7.648   -6.493  1.00 68.05  ? 12  DA  A "C1'" 1 
ATOM   241 N  N9    . DA  A 1 12 ? 10.538 7.646   -7.818  1.00 64.35  ? 12  DA  A N9    1 
ATOM   242 C  C8    . DA  A 1 12 ? 9.720  8.587   -8.390  1.00 62.25  ? 12  DA  A C8    1 
ATOM   243 N  N7    . DA  A 1 12 ? 9.330  8.280   -9.605  1.00 62.32  ? 12  DA  A N7    1 
ATOM   244 C  C5    . DA  A 1 12 ? 9.940  7.058   -9.853  1.00 62.46  ? 12  DA  A C5    1 
ATOM   245 C  C6    . DA  A 1 12 ? 9.905  6.189   -10.957 1.00 64.21  ? 12  DA  A C6    1 
ATOM   246 N  N6    . DA  A 1 12 ? 9.234  6.443   -12.081 1.00 66.91  ? 12  DA  A N6    1 
ATOM   247 N  N1    . DA  A 1 12 ? 10.639 5.057   -10.888 1.00 67.11  ? 12  DA  A N1    1 
ATOM   248 C  C2    . DA  A 1 12 ? 11.319 4.802   -9.763  1.00 66.32  ? 12  DA  A C2    1 
ATOM   249 N  N3    . DA  A 1 12 ? 11.395 5.520   -8.645  1.00 63.20  ? 12  DA  A N3    1 
ATOM   250 C  C4    . DA  A 1 12 ? 10.683 6.654   -8.760  1.00 63.64  ? 12  DA  A C4    1 
ATOM   251 P  P     . DG  A 1 13 ? 14.130 7.797   -2.964  1.00 100.41 ? 13  DG  A P     1 
ATOM   252 O  OP1   . DG  A 1 13 ? 14.462 6.456   -2.397  1.00 97.55  ? 13  DG  A OP1   1 
ATOM   253 O  OP2   . DG  A 1 13 ? 13.538 8.841   -2.073  1.00 98.91  ? 13  DG  A OP2   1 
ATOM   254 O  "O5'" . DG  A 1 13 ? 15.428 8.396   -3.670  1.00 101.77 ? 13  DG  A "O5'" 1 
HETATM 255 MG MG    . MG  B 2 .  ? -0.171 -13.133 12.164  1.00 79.23  ? 101 MG  A MG    1 
HETATM 256 O  O     . HOH C 3 .  ? -0.235 -14.468 10.191  1.00 72.41  ? 201 HOH A O     1 
HETATM 257 O  O     . HOH C 3 .  ? 3.050  -10.454 9.911   1.00 54.98  ? 202 HOH A O     1 
HETATM 258 O  O     . HOH C 3 .  ? 7.090  -2.192  6.016   1.00 51.19  ? 203 HOH A O     1 
HETATM 259 O  O     . HOH C 3 .  ? 10.706 2.861   -12.526 1.00 57.58  ? 204 HOH A O     1 
# 
loop_
_atom_site_anisotrop.id 
_atom_site_anisotrop.type_symbol 
_atom_site_anisotrop.pdbx_label_atom_id 
_atom_site_anisotrop.pdbx_label_alt_id 
_atom_site_anisotrop.pdbx_label_comp_id 
_atom_site_anisotrop.pdbx_label_asym_id 
_atom_site_anisotrop.pdbx_label_seq_id 
_atom_site_anisotrop.pdbx_PDB_ins_code 
_atom_site_anisotrop.U[1][1] 
_atom_site_anisotrop.U[2][2] 
_atom_site_anisotrop.U[3][3] 
_atom_site_anisotrop.U[1][2] 
_atom_site_anisotrop.U[1][3] 
_atom_site_anisotrop.U[2][3] 
_atom_site_anisotrop.pdbx_auth_seq_id 
_atom_site_anisotrop.pdbx_auth_comp_id 
_atom_site_anisotrop.pdbx_auth_asym_id 
_atom_site_anisotrop.pdbx_auth_atom_id 
1   O "O5'" . DG A 1  ? 1.2514 1.0689 0.7785 0.1420  0.0363  0.0547  1  DG A "O5'" 
2   C "C5'" . DG A 1  ? 1.2635 1.1022 0.7586 0.1312  0.0747  0.0686  1  DG A "C5'" 
3   C "C4'" . DG A 1  ? 1.1704 1.0645 0.7300 0.1375  0.1062  0.0696  1  DG A "C4'" 
4   O "O4'" . DG A 1  ? 1.1174 1.0211 0.7008 0.1628  0.1206  0.0399  1  DG A "O4'" 
5   C "C3'" . DG A 1  ? 1.1100 1.0060 0.7244 0.1265  0.0837  0.0786  1  DG A "C3'" 
6   O "O3'" . DG A 1  ? 1.0990 1.0497 0.7478 0.1103  0.1083  0.1018  1  DG A "O3'" 
7   C "C2'" . DG A 1  ? 1.0384 0.9345 0.6974 0.1508  0.0752  0.0481  1  DG A "C2'" 
8   C "C1'" . DG A 1  ? 1.0188 0.9437 0.6748 0.1666  0.1096  0.0333  1  DG A "C1'" 
9   N N9    . DG A 1  ? 0.9647 0.8783 0.6340 0.1839  0.1011  0.0051  1  DG A N9    
10  C C8    . DG A 1  ? 0.9183 0.8554 0.6255 0.1983  0.1196  -0.0094 1  DG A C8    
11  N N7    . DG A 1  ? 0.9259 0.8421 0.6306 0.2034  0.1019  -0.0292 1  DG A N7    
12  C C5    . DG A 1  ? 0.9678 0.8546 0.6369 0.1925  0.0695  -0.0252 1  DG A C5    
13  C C6    . DG A 1  ? 1.0186 0.8881 0.6765 0.1853  0.0345  -0.0311 1  DG A C6    
14  O O6    . DG A 1  ? 1.0407 0.9125 0.7138 0.1831  0.0247  -0.0427 1  DG A O6    
15  N N1    . DG A 1  ? 1.0500 0.9020 0.6770 0.1749  0.0050  -0.0149 1  DG A N1    
16  C C2    . DG A 1  ? 1.0626 0.9026 0.6643 0.1717  0.0091  0.0019  1  DG A C2    
17  N N2    . DG A 1  ? 1.1665 0.9858 0.7390 0.1624  -0.0258 0.0193  1  DG A N2    
18  N N3    . DG A 1  ? 1.0307 0.8826 0.6380 0.1729  0.0406  0.0075  1  DG A N3    
19  C C4    . DG A 1  ? 0.9824 0.8631 0.6274 0.1835  0.0694  -0.0054 1  DG A C4    
20  P P     . DG A 2  ? 1.1293 1.0741 0.8140 0.0853  0.0857  0.1164  2  DG A P     
21  O OP1   . DG A 2  ? 1.1123 1.1244 0.8193 0.0531  0.1044  0.1578  2  DG A OP1   
22  O OP2   . DG A 2  ? 1.1813 1.0407 0.8263 0.0799  0.0451  0.1136  2  DG A OP2   
23  O "O5'" . DG A 2  ? 1.0523 1.0096 0.7892 0.1111  0.0890  0.0853  2  DG A "O5'" 
24  C "C5'" . DG A 2  ? 0.9604 0.9859 0.7460 0.1229  0.1208  0.0846  2  DG A "C5'" 
25  C "C4'" . DG A 2  ? 0.8918 0.9097 0.7135 0.1414  0.1133  0.0560  2  DG A "C4'" 
26  O "O4'" . DG A 2  ? 0.8565 0.8406 0.6604 0.1666  0.1052  0.0265  2  DG A "O4'" 
27  C "C3'" . DG A 2  ? 0.8732 0.8504 0.6948 0.1241  0.0846  0.0560  2  DG A "C3'" 
28  O "O3'" . DG A 2  ? 0.8679 0.8768 0.7337 0.1258  0.0909  0.0498  2  DG A "O3'" 
29  C "C2'" . DG A 2  ? 0.8801 0.8022 0.6788 0.1489  0.0663  0.0314  2  DG A "C2'" 
30  C "C1'" . DG A 2  ? 0.8365 0.7912 0.6536 0.1727  0.0818  0.0129  2  DG A "C1'" 
31  N N9    . DG A 2  ? 0.8526 0.7805 0.6496 0.1884  0.0639  0.0021  2  DG A N9    
32  C C8    . DG A 2  ? 0.8818 0.7699 0.6408 0.1865  0.0427  0.0135  2  DG A C8    
33  N N7    . DG A 2  ? 0.8889 0.7742 0.6467 0.2010  0.0255  0.0079  2  DG A N7    
34  C C5    . DG A 2  ? 0.8500 0.7704 0.6418 0.2077  0.0349  -0.0092 2  DG A C5    
35  C C6    . DG A 2  ? 0.8601 0.7969 0.6652 0.2126  0.0182  -0.0152 2  DG A C6    
36  O O6    . DG A 2  ? 0.9443 0.8789 0.7416 0.2136  -0.0094 -0.0040 2  DG A O6    
37  N N1    . DG A 2  ? 0.7998 0.7598 0.6307 0.2116  0.0315  -0.0299 2  DG A N1    
38  C C2    . DG A 2  ? 0.7516 0.7230 0.6001 0.2123  0.0584  -0.0370 2  DG A C2    
39  N N2    . DG A 2  ? 0.7313 0.7178 0.6007 0.2126  0.0651  -0.0483 2  DG A N2    
40  N N3    . DG A 2  ? 0.7558 0.7250 0.6006 0.2079  0.0731  -0.0277 2  DG A N3    
41  C C4    . DG A 2  ? 0.8148 0.7563 0.6288 0.2031  0.0597  -0.0146 2  DG A C4    
42  P P     . DA A 3  ? 0.8670 0.8763 0.7368 0.0859  0.0748  0.0741  3  DA A P     
43  O OP1   . DA A 3  ? 0.9615 0.9933 0.8191 0.0484  0.0710  0.1156  3  DA A OP1   
44  O OP2   . DA A 3  ? 0.8897 0.8181 0.7205 0.0883  0.0520  0.0524  3  DA A OP2   
45  O "O5'" . DA A 3  ? 0.8449 0.9293 0.7783 0.0933  0.0940  0.0787  3  DA A "O5'" 
46  C "C5'" . DA A 3  ? 0.8014 0.9443 0.7709 0.1247  0.1268  0.0774  3  DA A "C5'" 
47  C "C4'" . DA A 3  ? 0.7469 0.9291 0.7658 0.1357  0.1348  0.0755  3  DA A "C4'" 
48  O "O4'" . DA A 3  ? 0.7011 0.8449 0.7111 0.1626  0.1341  0.0368  3  DA A "O4'" 
49  C "C3'" . DA A 3  ? 0.7478 0.9317 0.7780 0.0990  0.1094  0.0917  3  DA A "C3'" 
50  O "O3'" . DA A 3  ? 0.7526 1.0036 0.8415 0.1034  0.1193  0.1110  3  DA A "O3'" 
51  C "C2'" . DA A 3  ? 0.7224 0.8315 0.7142 0.1084  0.0939  0.0525  3  DA A "C2'" 
52  C "C1'" . DA A 3  ? 0.6903 0.8068 0.6977 0.1494  0.1134  0.0254  3  DA A "C1'" 
53  N N9    . DA A 3  ? 0.6593 0.7278 0.6384 0.1672  0.1053  -0.0037 3  DA A N9    
54  C C8    . DA A 3  ? 0.7199 0.7499 0.6622 0.1718  0.0967  -0.0082 3  DA A C8    
55  N N7    . DA A 3  ? 0.7003 0.7112 0.6381 0.1923  0.0901  -0.0271 3  DA A N7    
56  C C5    . DA A 3  ? 0.6553 0.6939 0.6262 0.1979  0.0961  -0.0366 3  DA A C5    
57  C C6    . DA A 3  ? 0.6330 0.6842 0.6227 0.2127  0.0937  -0.0492 3  DA A C6    
58  N N6    . DA A 3  ? 0.6578 0.7045 0.6443 0.2291  0.0846  -0.0523 3  DA A N6    
59  N N1    . DA A 3  ? 0.6000 0.6780 0.6178 0.2083  0.0993  -0.0516 3  DA A N1    
60  C C2    . DA A 3  ? 0.5872 0.6772 0.6153 0.1950  0.1060  -0.0421 3  DA A C2    
61  N N3    . DA A 3  ? 0.6518 0.7447 0.6744 0.1835  0.1094  -0.0259 3  DA A N3    
62  C C4    . DA A 3  ? 0.6543 0.7212 0.6466 0.1834  0.1047  -0.0243 3  DA A C4    
63  P P     . DC A 4  ? 0.7712 1.1287 0.9223 0.0905  0.1324  0.1701  4  DC A P     
64  O OP1   . DC A 4  ? 0.8013 1.2104 1.0092 0.1015  0.1355  0.1847  4  DC A OP1   
65  O OP2   . DC A 4  ? 0.8002 1.1891 0.9515 0.1201  0.1676  0.1785  4  DC A OP2   
66  O "O5'" . DC A 4  ? 0.7620 1.1104 0.8895 0.0230  0.0933  0.2039  4  DC A "O5'" 
67  C "C5'" . DC A 4  ? 0.7470 1.0432 0.8433 -0.0158 0.0556  0.1988  4  DC A "C5'" 
68  C "C4'" . DC A 4  ? 0.8305 1.1280 0.9036 -0.0871 0.0174  0.2458  4  DC A "C4'" 
69  O "O4'" . DC A 4  ? 0.7909 1.2248 0.9490 -0.1018 0.0280  0.3111  4  DC A "O4'" 
70  C "C3'" . DC A 4  ? 0.9061 1.1478 0.9347 -0.1370 -0.0254 0.2494  4  DC A "C3'" 
71  O "O3'" . DC A 4  ? 1.0991 1.2383 1.0320 -0.1927 -0.0651 0.2541  4  DC A "O3'" 
72  C "C2'" . DC A 4  ? 0.8508 1.2211 0.9695 -0.1617 -0.0326 0.3101  4  DC A "C2'" 
73  C "C1'" . DC A 4  ? 0.7835 1.2768 0.9845 -0.1408 0.0007  0.3533  4  DC A "C1'" 
74  N N1    . DC A 4  ? 0.6682 1.2765 0.9696 -0.0857 0.0395  0.3723  4  DC A N1    
75  C C2    . DC A 4  ? 0.6526 1.3475 1.0199 -0.1116 0.0185  0.4239  4  DC A C2    
76  O O2    . DC A 4  ? 0.7059 1.3771 1.0395 -0.1877 -0.0353 0.4514  4  DC A O2    
77  N N3    . DC A 4  ? 0.6117 1.4056 1.0696 -0.0538 0.0547  0.4452  4  DC A N3    
78  C C4    . DC A 4  ? 0.5951 1.3867 1.0626 0.0246  0.1100  0.4122  4  DC A C4    
79  N N4    . DC A 4  ? 0.6107 1.4790 1.1516 0.0852  0.1454  0.4331  4  DC A N4    
80  C C5    . DC A 4  ? 0.5970 1.2984 0.9904 0.0438  0.1285  0.3585  4  DC A C5    
81  C C6    . DC A 4  ? 0.6281 1.2485 0.9484 -0.0113 0.0922  0.3426  4  DC A C6    
82  P P     . DG A 5  ? 1.2695 1.2402 1.0812 -0.1830 -0.0790 0.1951  5  DG A P     
83  O OP1   . DG A 5  ? 1.4515 1.3111 1.1600 -0.2386 -0.1190 0.2089  5  DG A OP1   
84  O OP2   . DG A 5  ? 1.2380 1.2008 1.0686 -0.1042 -0.0367 0.1430  5  DG A OP2   
85  O "O5'" . DG A 5  ? 1.1613 1.1189 0.9556 -0.2086 -0.0997 0.1957  5  DG A "O5'" 
86  C "C5'" . DG A 5  ? 1.2626 1.2023 1.0144 -0.2937 -0.1520 0.2424  5  DG A "C5'" 
87  C "C4'" . DG A 5  ? 1.2443 1.2552 1.0457 -0.3088 -0.1616 0.2632  5  DG A "C4'" 
88  O "O4'" . DG A 5  ? 1.0927 1.2650 1.0386 -0.2636 -0.1247 0.2870  5  DG A "O4'" 
89  C "C3'" . DG A 5  ? 1.2921 1.2138 1.0271 -0.2768 -0.1506 0.2080  5  DG A "C3'" 
90  O "O3'" . DG A 5  ? 1.4243 1.3110 1.1005 -0.3468 -0.1981 0.2355  5  DG A "O3'" 
91  C "C2'" . DG A 5  ? 1.1233 1.1570 0.9750 -0.2071 -0.1036 0.1947  5  DG A "C2'" 
92  C "C1'" . DG A 5  ? 1.0129 1.1966 0.9825 -0.2252 -0.1071 0.2600  5  DG A "C1'" 
93  N N9    . DG A 5  ? 0.8172 1.1072 0.8964 -0.1579 -0.0599 0.2594  5  DG A N9    
94  C C8    . DG A 5  ? 0.7935 1.0697 0.8814 -0.0962 -0.0189 0.2185  5  DG A C8    
95  N N7    . DG A 5  ? 0.6969 1.0628 0.8705 -0.0489 0.0149  0.2293  5  DG A N7    
96  C C5    . DG A 5  ? 0.6505 1.1059 0.8886 -0.0738 -0.0014 0.2839  5  DG A C5    
97  C C6    . DG A 5  ? 0.5895 1.1559 0.9274 -0.0345 0.0236  0.3197  5  DG A C6    
98  O O6    . DG A 5  ? 0.5591 1.1502 0.9332 0.0305  0.0671  0.3048  5  DG A O6    
99  N N1    . DG A 5  ? 0.5861 1.2281 0.9726 -0.0773 -0.0092 0.3797  5  DG A N1    
100 C C2    . DG A 5  ? 0.6587 1.2649 0.9918 -0.1580 -0.0641 0.4014  5  DG A C2    
101 N N2    . DG A 5  ? 0.6755 1.3720 1.0680 -0.1976 -0.0969 0.4675  5  DG A N2    
102 N N3    . DG A 5  ? 0.7198 1.2024 0.9411 -0.1961 -0.0867 0.3629  5  DG A N3    
103 C C4    . DG A 5  ? 0.7074 1.1248 0.8929 -0.1460 -0.0509 0.3057  5  DG A C4    
104 P P     . DA A 6  ? 1.5890 1.3458 1.1432 -0.3427 -0.2014 0.1878  6  DA A P     
105 O OP1   . DA A 6  ? 1.7266 1.3216 1.1147 -0.4166 -0.2540 0.1914  6  DA A OP1   
106 O OP2   . DA A 6  ? 1.4488 1.1849 1.0119 -0.2527 -0.1442 0.1265  6  DA A OP2   
107 O "O5'" . DA A 6  ? 1.4762 1.3433 1.1091 -0.3652 -0.2153 0.2260  6  DA A "O5'" 
108 C "C5'" . DA A 6  ? 1.4605 1.4129 1.1412 -0.4426 -0.2666 0.3016  6  DA A "C5'" 
109 C "C4'" . DA A 6  ? 1.3538 1.4356 1.1451 -0.4302 -0.2625 0.3340  6  DA A "C4'" 
110 O "O4'" . DA A 6  ? 1.1467 1.3569 1.0827 -0.3532 -0.2101 0.3352  6  DA A "O4'" 
111 C "C3'" . DA A 6  ? 1.3883 1.3945 1.1085 -0.4097 -0.2514 0.2890  6  DA A "C3'" 
112 O "O3'" . DA A 6  ? 1.5034 1.5635 1.2420 -0.4659 -0.2956 0.3415  6  DA A "O3'" 
113 C "C2'" . DA A 6  ? 1.2146 1.2827 1.0277 -0.3152 -0.1877 0.2507  6  DA A "C2'" 
114 C "C1'" . DA A 6  ? 1.0568 1.2732 1.0174 -0.2966 -0.1769 0.2997  6  DA A "C1'" 
115 N N9    . DA A 6  ? 0.8726 1.1227 0.8979 -0.2170 -0.1216 0.2652  6  DA A N9    
116 C C8    . DA A 6  ? 0.8585 1.0312 0.8319 -0.1799 -0.0931 0.2116  6  DA A C8    
117 N N7    . DA A 6  ? 0.7632 0.9899 0.8098 -0.1185 -0.0522 0.1964  6  DA A N7    
118 C C5    . DA A 6  ? 0.6741 1.0108 0.8211 -0.1079 -0.0488 0.2396  6  DA A C5    
119 C C6    . DA A 6  ? 0.5753 0.9875 0.8114 -0.0485 -0.0122 0.2453  6  DA A C6    
120 N N6    . DA A 6  ? 0.5390 0.9268 0.7731 0.0026  0.0240  0.2059  6  DA A N6    
121 N N1    . DA A 6  ? 0.5365 1.0420 0.8552 -0.0427 -0.0156 0.2955  6  DA A N1    
122 C C2    . DA A 6  ? 0.6062 1.1417 0.9281 -0.1001 -0.0586 0.3411  6  DA A C2    
123 N N3    . DA A 6  ? 0.6987 1.1671 0.9345 -0.1689 -0.1013 0.3407  6  DA A N3    
124 C C4    . DA A 6  ? 0.7349 1.0970 0.8800 -0.1660 -0.0911 0.2854  6  DA A C4    
125 P P     . DT A 7  ? 1.5998 1.5933 1.2598 -0.4660 -0.2963 0.3130  7  DT A P     
126 O OP1   . DT A 7  ? 1.6949 1.6433 1.2655 -0.5657 -0.3680 0.3587  7  DT A OP1   
127 O OP2   . DT A 7  ? 1.6429 1.5148 1.2051 -0.4083 -0.2477 0.2320  7  DT A OP2   
128 O "O5'" . DT A 7  ? 1.4118 1.5558 1.2336 -0.4090 -0.2661 0.3353  7  DT A "O5'" 
129 C "C5'" . DT A 7  ? 1.3081 1.6114 1.2828 -0.4099 -0.2778 0.4065  7  DT A "C5'" 
130 C "C4'" . DT A 7  ? 1.1730 1.5661 1.2637 -0.3356 -0.2372 0.4064  7  DT A "C4'" 
131 O "O4'" . DT A 7  ? 1.0305 1.4298 1.1652 -0.2602 -0.1800 0.3628  7  DT A "O4'" 
132 C "C3'" . DT A 7  ? 1.1849 1.5175 1.2184 -0.3252 -0.2307 0.3731  7  DT A "C3'" 
133 O "O3'" . DT A 7  ? 1.2443 1.6724 1.3656 -0.3300 -0.2527 0.4317  7  DT A "O3'" 
134 C "C2'" . DT A 7  ? 1.0699 1.3715 1.1128 -0.2470 -0.1700 0.3083  7  DT A "C2'" 
135 C "C1'" . DT A 7  ? 0.9337 1.3156 1.0795 -0.2043 -0.1450 0.3237  7  DT A "C1'" 
136 N N1    . DT A 7  ? 0.8217 1.1575 0.9514 -0.1506 -0.0993 0.2650  7  DT A N1    
137 C C2    . DT A 7  ? 0.6933 1.0828 0.9071 -0.0870 -0.0620 0.2603  7  DT A C2    
138 O O2    . DT A 7  ? 0.6820 1.1487 0.9807 -0.0639 -0.0591 0.2995  7  DT A O2    
139 N N3    . DT A 7  ? 0.6526 0.9944 0.8396 -0.0497 -0.0291 0.2096  7  DT A N3    
140 C C4    . DT A 7  ? 0.6919 0.9501 0.7915 -0.0614 -0.0271 0.1681  7  DT A C4    
141 O O4    . DT A 7  ? 0.6640 0.8973 0.7579 -0.0233 0.0009  0.1319  7  DT A O4    
142 C C5    . DT A 7  ? 0.7964 0.9931 0.8071 -0.1188 -0.0611 0.1730  7  DT A C5    
143 C C7    . DT A 7  ? 0.8746 0.9612 0.7740 -0.1228 -0.0560 0.1285  7  DT A C7    
144 C C6    . DT A 7  ? 0.8251 1.0588 0.8490 -0.1642 -0.0967 0.2194  7  DT A C6    
145 P P     . DC A 8  ? 1.3068 1.7058 1.4047 -0.3147 -0.2466 0.4154  8  DC A P     
146 O OP1   . DC A 8  ? 1.3932 1.8565 1.5254 -0.3649 -0.3005 0.4888  8  DC A OP1   
147 O OP2   . DC A 8  ? 1.2792 1.5491 1.2380 -0.3200 -0.2274 0.3453  8  DC A OP2   
148 O "O5'" . DC A 8  ? 1.1966 1.6545 1.4061 -0.2260 -0.1963 0.4043  8  DC A "O5'" 
149 C "C5'" . DC A 8  ? 1.0845 1.6516 1.4220 -0.1853 -0.1852 0.4509  8  DC A "C5'" 
150 C "C4'" . DC A 8  ? 0.9965 1.5729 1.3941 -0.1061 -0.1430 0.4336  8  DC A "C4'" 
151 O "O4'" . DC A 8  ? 0.9273 1.4479 1.2955 -0.0638 -0.0984 0.3694  8  DC A "O4'" 
152 C "C3'" . DC A 8  ? 1.0161 1.5442 1.3781 -0.1085 -0.1510 0.4227  8  DC A "C3'" 
153 O "O3'" . DC A 8  ? 1.0566 1.6304 1.5039 -0.0553 -0.1422 0.4582  8  DC A "O3'" 
154 C "C2'" . DC A 8  ? 0.9613 1.3976 1.2439 -0.0942 -0.1181 0.3468  8  DC A "C2'" 
155 C "C1'" . DC A 8  ? 0.8740 1.3193 1.1878 -0.0494 -0.0824 0.3207  8  DC A "C1'" 
156 N N1    . DC A 8  ? 0.7658 1.1450 1.0053 -0.0541 -0.0630 0.2622  8  DC A N1    
157 C C2    . DC A 8  ? 0.6963 1.0601 0.9512 -0.0044 -0.0263 0.2257  8  DC A C2    
158 O O2    . DC A 8  ? 0.6961 1.0849 1.0091 0.0411  -0.0094 0.2373  8  DC A O2    
159 N N3    . DC A 8  ? 0.6368 0.9508 0.8345 -0.0052 -0.0109 0.1802  8  DC A N3    
160 C C4    . DC A 8  ? 0.6763 0.9464 0.7974 -0.0455 -0.0254 0.1673  8  DC A C4    
161 N N4    . DC A 8  ? 0.6949 0.9139 0.7626 -0.0344 -0.0066 0.1249  8  DC A N4    
162 C C5    . DC A 8  ? 0.7301 0.9979 0.8166 -0.0976 -0.0610 0.1984  8  DC A C5    
163 C C6    . DC A 8  ? 0.7626 1.0914 0.9140 -0.1040 -0.0814 0.2472  8  DC A C6    
164 P P     . DG A 9  ? 1.1586 1.6920 1.5849 -0.0575 -0.1573 0.4650  9  DG A P     
165 O OP1   . DG A 9  ? 1.2472 1.8569 1.7670 -0.0320 -0.1766 0.5389  9  DG A OP1   
166 O OP2   . DG A 9  ? 1.1616 1.6382 1.4848 -0.1268 -0.1820 0.4427  9  DG A OP2   
167 O "O5'" . DG A 9  ? 1.0187 1.4810 1.4267 -0.0006 -0.1136 0.4085  9  DG A "O5'" 
168 C "C5'" . DG A 9  ? 0.9266 1.3936 1.3754 0.0634  -0.0745 0.3913  9  DG A "C5'" 
169 C "C4'" . DG A 9  ? 0.9012 1.2794 1.2976 0.0877  -0.0488 0.3342  9  DG A "C4'" 
170 O "O4'" . DG A 9  ? 0.8513 1.2048 1.1938 0.0621  -0.0363 0.2839  9  DG A "O4'" 
171 C "C3'" . DG A 9  ? 0.9310 1.2567 1.2867 0.0635  -0.0683 0.3340  9  DG A "C3'" 
172 O "O3'" . DG A 9  ? 0.9936 1.2486 1.3351 0.1043  -0.0524 0.3145  9  DG A "O3'" 
173 C "C2'" . DG A 9  ? 0.8810 1.1881 1.1678 0.0095  -0.0710 0.2973  9  DG A "C2'" 
174 C "C1'" . DG A 9  ? 0.8071 1.1103 1.0886 0.0315  -0.0414 0.2559  9  DG A "C1'" 
175 N N9    . DG A 9  ? 0.7102 1.0090 0.9391 -0.0040 -0.0386 0.2269  9  DG A N9    
176 C C8    . DG A 9  ? 0.7025 1.0046 0.8854 -0.0533 -0.0603 0.2378  9  DG A C8    
177 N N7    . DG A 9  ? 0.6956 0.9689 0.8202 -0.0653 -0.0470 0.2013  9  DG A N7    
178 C C5    . DG A 9  ? 0.6396 0.9049 0.7863 -0.0238 -0.0174 0.1689  9  DG A C5    
179 C C6    . DG A 9  ? 0.6355 0.8761 0.7476 -0.0115 0.0059  0.1278  9  DG A C6    
180 O O6    . DG A 9  ? 0.7116 0.9229 0.7608 -0.0282 0.0096  0.1084  9  DG A O6    
181 N N1    . DG A 9  ? 0.5705 0.8117 0.7186 0.0268  0.0251  0.1102  9  DG A N1    
182 C C2    . DG A 9  ? 0.5536 0.7994 0.7473 0.0520  0.0249  0.1246  9  DG A C2    
183 N N2    . DG A 9  ? 0.6175 0.8431 0.8171 0.0822  0.0418  0.1014  9  DG A N2    
184 N N3    . DG A 9  ? 0.5893 0.8482 0.8110 0.0494  0.0082  0.1602  9  DG A N3    
185 C C4    . DG A 9  ? 0.6388 0.9155 0.8429 0.0103  -0.0134 0.1830  9  DG A C4    
186 P P     . DG A 10 ? 1.0834 1.2837 1.4043 0.0956  -0.0766 0.3375  10 DG A P     
187 O OP1   . DG A 10 ? 1.1803 1.3816 1.5528 0.1528  -0.0781 0.3827  10 DG A OP1   
188 O OP2   . DG A 10 ? 1.1407 1.3636 1.4295 0.0276  -0.1033 0.3482  10 DG A OP2   
189 O "O5'" . DG A 10 ? 1.0508 1.1609 1.3138 0.1003  -0.0631 0.2917  10 DG A "O5'" 
190 C "C5'" . DG A 10 ? 1.0133 1.0906 1.2671 0.1410  -0.0340 0.2552  10 DG A "C5'" 
191 C "C4'" . DG A 10 ? 0.9773 1.0320 1.1843 0.1056  -0.0292 0.2119  10 DG A "C4'" 
192 O "O4'" . DG A 10 ? 0.8783 1.0048 1.0942 0.0760  -0.0218 0.1982  10 DG A "O4'" 
193 C "C3'" . DG A 10 ? 1.0039 1.0171 1.1696 0.0595  -0.0523 0.2160  10 DG A "C3'" 
194 O "O3'" . DG A 10 ? 1.0214 0.9780 1.1473 0.0562  -0.0482 0.1851  10 DG A "O3'" 
195 C "C2'" . DG A 10 ? 0.9147 1.0027 1.0817 0.0111  -0.0542 0.2174  10 DG A "C2'" 
196 C "C1'" . DG A 10 ? 0.8106 0.9390 0.9919 0.0293  -0.0291 0.1876  10 DG A "C1'" 
197 N N9    . DG A 10 ? 0.7034 0.8877 0.8785 0.0023  -0.0250 0.1847  10 DG A N9    
198 C C8    . DG A 10 ? 0.6953 0.9061 0.8633 -0.0268 -0.0421 0.2121  10 DG A C8    
199 N N7    . DG A 10 ? 0.6844 0.9163 0.8204 -0.0473 -0.0339 0.1962  10 DG A N7    
200 C C5    . DG A 10 ? 0.6279 0.8554 0.7611 -0.0255 -0.0082 0.1587  10 DG A C5    
201 C C6    . DG A 10 ? 0.6062 0.8391 0.7057 -0.0261 0.0115  0.1291  10 DG A C6    
202 O O6    . DG A 10 ? 0.6596 0.8878 0.7104 -0.0469 0.0116  0.1257  10 DG A O6    
203 N N1    . DG A 10 ? 0.5523 0.7827 0.6674 0.0016  0.0306  0.1023  10 DG A N1    
204 C C2    . DG A 10 ? 0.5498 0.7648 0.6947 0.0203  0.0286  0.1014  10 DG A C2    
205 N N2    . DG A 10 ? 0.5505 0.7627 0.6978 0.0383  0.0425  0.0767  10 DG A N2    
206 N N3    . DG A 10 ? 0.5917 0.7837 0.7520 0.0216  0.0118  0.1240  10 DG A N3    
207 C C4    . DG A 10 ? 0.6329 0.8368 0.7923 0.0013  -0.0046 0.1527  10 DG A C4    
208 P P     . DG A 11 ? 1.0737 0.9779 1.1534 0.0060  -0.0746 0.1917  11 DG A P     
209 O OP1   . DG A 11 ? 1.1988 1.0033 1.2288 0.0204  -0.0797 0.1707  11 DG A OP1   
210 O OP2   . DG A 11 ? 1.1051 0.9967 1.1821 -0.0160 -0.0990 0.2311  11 DG A OP2   
211 O "O5'" . DG A 11 ? 0.9430 0.9368 1.0347 -0.0354 -0.0636 0.1775  11 DG A "O5'" 
212 C "C5'" . DG A 11 ? 0.8349 0.8620 0.9379 -0.0180 -0.0411 0.1454  11 DG A "C5'" 
213 C "C4'" . DG A 11 ? 0.7600 0.8732 0.8752 -0.0499 -0.0292 0.1429  11 DG A "C4'" 
214 O "O4'" . DG A 11 ? 0.7023 0.8641 0.8257 -0.0520 -0.0182 0.1510  11 DG A "O4'" 
215 C "C3'" . DG A 11 ? 0.7945 0.9198 0.8967 -0.1015 -0.0475 0.1670  11 DG A "C3'" 
216 O "O3'" . DG A 11 ? 0.7837 0.9895 0.9045 -0.1155 -0.0304 0.1619  11 DG A "O3'" 
217 C "C2'" . DG A 11 ? 0.7778 0.9241 0.8750 -0.1224 -0.0518 0.1933  11 DG A "C2'" 
218 C "C1'" . DG A 11 ? 0.6963 0.8843 0.8047 -0.0941 -0.0267 0.1762  11 DG A "C1'" 
219 N N9    . DG A 11 ? 0.6746 0.8560 0.7758 -0.0990 -0.0378 0.1973  11 DG A N9    
220 C C8    . DG A 11 ? 0.7113 0.8486 0.8089 -0.1085 -0.0661 0.2287  11 DG A C8    
221 N N7    . DG A 11 ? 0.7014 0.8559 0.7978 -0.1147 -0.0746 0.2486  11 DG A N7    
222 C C5    . DG A 11 ? 0.6875 0.8871 0.7736 -0.1132 -0.0516 0.2257  11 DG A C5    
223 C C6    . DG A 11 ? 0.7044 0.9238 0.7683 -0.1266 -0.0552 0.2331  11 DG A C6    
224 O O6    . DG A 11 ? 0.7844 1.0016 0.8435 -0.1457 -0.0816 0.2665  11 DG A O6    
225 N N1    . DG A 11 ? 0.6676 0.9035 0.7048 -0.1197 -0.0285 0.2002  11 DG A N1    
226 C C2    . DG A 11 ? 0.6520 0.8988 0.6972 -0.0972 -0.0005 0.1682  11 DG A C2    
227 N N2    . DG A 11 ? 0.6484 0.9000 0.6604 -0.0865 0.0226  0.1413  11 DG A N2    
228 N N3    . DG A 11 ? 0.6308 0.8755 0.7077 -0.0876 0.0004  0.1655  11 DG A N3    
229 C C4    . DG A 11 ? 0.6574 0.8720 0.7471 -0.0990 -0.0264 0.1934  11 DG A C4    
230 P P     . DA A 12 ? 0.8325 1.0610 0.9549 -0.1645 -0.0516 0.1858  12 DA A P     
231 O OP1   . DA A 12 ? 0.9391 1.0621 1.0272 -0.1683 -0.0839 0.1789  12 DA A OP1   
232 O OP2   . DA A 12 ? 0.8210 1.0928 0.9408 -0.2098 -0.0576 0.2228  12 DA A OP2   
233 O "O5'" . DA A 12 ? 0.8146 1.1370 0.9748 -0.1467 -0.0234 0.1728  12 DA A "O5'" 
234 C "C5'" . DA A 12 ? 0.7824 1.0777 0.9455 -0.1050 -0.0143 0.1394  12 DA A "C5'" 
235 C "C4'" . DA A 12 ? 0.7268 1.1040 0.9174 -0.0725 0.0237  0.1259  12 DA A "C4'" 
236 O "O4'" . DA A 12 ? 0.6739 1.0514 0.8470 -0.0552 0.0465  0.1176  12 DA A "O4'" 
237 C "C3'" . DA A 12 ? 0.7750 1.2636 1.0032 -0.0910 0.0364  0.1539  12 DA A "C3'" 
238 O "O3'" . DA A 12 ? 0.9334 1.4740 1.1901 -0.0550 0.0575  0.1421  12 DA A "O3'" 
239 C "C2'" . DA A 12 ? 0.7191 1.2488 0.9346 -0.0904 0.0654  0.1633  12 DA A "C2'" 
240 C "C1'" . DA A 12 ? 0.6488 1.1085 0.8284 -0.0543 0.0770  0.1282  12 DA A "C1'" 
241 N N9    . DA A 12 ? 0.6194 1.0649 0.7609 -0.0643 0.0854  0.1331  12 DA A N9    
242 C C8    . DA A 12 ? 0.6154 1.0118 0.7377 -0.0919 0.0592  0.1479  12 DA A C8    
243 N N7    . DA A 12 ? 0.6290 1.0263 0.7125 -0.0997 0.0704  0.1526  12 DA A N7    
244 C C5    . DA A 12 ? 0.6234 1.0611 0.6888 -0.0726 0.1101  0.1356  12 DA A C5    
245 C C6    . DA A 12 ? 0.6674 1.1030 0.6694 -0.0646 0.1394  0.1273  12 DA A C6    
246 N N6    . DA A 12 ? 0.7303 1.1328 0.6792 -0.0933 0.1280  0.1387  12 DA A N6    
247 N N1    . DA A 12 ? 0.7011 1.1629 0.6860 -0.0248 0.1806  0.1086  12 DA A N1    
248 C C2    . DA A 12 ? 0.6588 1.1598 0.7011 0.0026  0.1877  0.1031  12 DA A C2    
249 N N3    . DA A 12 ? 0.5953 1.1061 0.7000 -0.0089 0.1576  0.1109  12 DA A N3    
250 C C4    . DA A 12 ? 0.6133 1.0845 0.7202 -0.0467 0.1208  0.1250  12 DA A C4    
251 P P     . DG A 13 ? 0.9822 1.5591 1.2741 -0.0740 0.0304  0.1600  13 DG A P     
252 O OP1   . DG A 13 ? 0.9225 1.5440 1.2398 -0.0238 0.0571  0.1452  13 DG A OP1   
253 O OP2   . DG A 13 ? 1.0148 1.4791 1.2641 -0.1021 -0.0133 0.1504  13 DG A OP2   
254 O "O5'" . DG A 13 ? 0.9461 1.6375 1.2830 -0.1200 0.0255  0.2139  13 DG A "O5'" 
# 
loop_
_pdbx_poly_seq_scheme.asym_id 
_pdbx_poly_seq_scheme.entity_id 
_pdbx_poly_seq_scheme.seq_id 
_pdbx_poly_seq_scheme.mon_id 
_pdbx_poly_seq_scheme.ndb_seq_num 
_pdbx_poly_seq_scheme.pdb_seq_num 
_pdbx_poly_seq_scheme.auth_seq_num 
_pdbx_poly_seq_scheme.pdb_mon_id 
_pdbx_poly_seq_scheme.auth_mon_id 
_pdbx_poly_seq_scheme.pdb_strand_id 
_pdbx_poly_seq_scheme.pdb_ins_code 
_pdbx_poly_seq_scheme.hetero 
A 1 1  DG 1  1  1  DG DG A . n 
A 1 2  DG 2  2  2  DG DG A . n 
A 1 3  DA 3  3  3  DA DA A . n 
A 1 4  DC 4  4  4  DC DC A . n 
A 1 5  DG 5  5  5  DG DG A . n 
A 1 6  DA 6  6  6  DA DA A . n 
A 1 7  DT 7  7  7  DT DT A . n 
A 1 8  DC 8  8  8  DC DC A . n 
A 1 9  DG 9  9  9  DG DG A . n 
A 1 10 DG 10 10 10 DG DG A . n 
A 1 11 DG 11 11 11 DG DG A . n 
A 1 12 DA 12 12 12 DA DA A . n 
A 1 13 DG 13 13 13 DG DG A . n 
# 
loop_
_pdbx_nonpoly_scheme.asym_id 
_pdbx_nonpoly_scheme.entity_id 
_pdbx_nonpoly_scheme.mon_id 
_pdbx_nonpoly_scheme.ndb_seq_num 
_pdbx_nonpoly_scheme.pdb_seq_num 
_pdbx_nonpoly_scheme.auth_seq_num 
_pdbx_nonpoly_scheme.pdb_mon_id 
_pdbx_nonpoly_scheme.auth_mon_id 
_pdbx_nonpoly_scheme.pdb_strand_id 
_pdbx_nonpoly_scheme.pdb_ins_code 
B 2 MG  1 101 1 MG  MG  A . 
C 3 HOH 1 201 2 HOH HOH A . 
C 3 HOH 2 202 3 HOH HOH A . 
C 3 HOH 3 203 4 HOH HOH A . 
C 3 HOH 4 204 5 HOH HOH A . 
# 
_pdbx_struct_assembly.id                   1 
_pdbx_struct_assembly.details              author_defined_assembly 
_pdbx_struct_assembly.method_details       ? 
_pdbx_struct_assembly.oligomeric_details   dimeric 
_pdbx_struct_assembly.oligomeric_count     2 
# 
_pdbx_struct_assembly_gen.assembly_id       1 
_pdbx_struct_assembly_gen.oper_expression   1,2 
_pdbx_struct_assembly_gen.asym_id_list      A,B,C 
# 
loop_
_pdbx_struct_oper_list.id 
_pdbx_struct_oper_list.type 
_pdbx_struct_oper_list.name 
_pdbx_struct_oper_list.symmetry_operation 
_pdbx_struct_oper_list.matrix[1][1] 
_pdbx_struct_oper_list.matrix[1][2] 
_pdbx_struct_oper_list.matrix[1][3] 
_pdbx_struct_oper_list.vector[1] 
_pdbx_struct_oper_list.matrix[2][1] 
_pdbx_struct_oper_list.matrix[2][2] 
_pdbx_struct_oper_list.matrix[2][3] 
_pdbx_struct_oper_list.vector[2] 
_pdbx_struct_oper_list.matrix[3][1] 
_pdbx_struct_oper_list.matrix[3][2] 
_pdbx_struct_oper_list.matrix[3][3] 
_pdbx_struct_oper_list.vector[3] 
1 'identity operation'         1_555 x,y,z     1.0000000000  0.0000000000  0.0000000000 0.0000000000  0.0000000000  1.0000000000  0.0000000000  0.0000000000  0.0000000000 0.0000000000  1.0000000000  0.0000000000 
2 'crystal symmetry operation' 4_545 -x,-y-1,z -0.1340564103 -0.6086456878 0.7820353608 -4.4186709392 -0.6086456878 -0.5722012639 -0.5496691190 -3.2632136574 0.7820353608 -0.5496691190 -0.2937423259 2.3530634882 
# 
loop_
_pdbx_audit_revision_history.ordinal 
_pdbx_audit_revision_history.data_content_type 
_pdbx_audit_revision_history.major_revision 
_pdbx_audit_revision_history.minor_revision 
_pdbx_audit_revision_history.revision_date 
1 'Structure model' 1 0 2015-06-17 
2 'Structure model' 1 1 2015-09-09 
3 'Structure model' 1 2 2023-09-20 
# 
_pdbx_audit_revision_details.ordinal             1 
_pdbx_audit_revision_details.revision_ordinal    1 
_pdbx_audit_revision_details.data_content_type   'Structure model' 
_pdbx_audit_revision_details.provider            repository 
_pdbx_audit_revision_details.type                'Initial release' 
_pdbx_audit_revision_details.description         ? 
_pdbx_audit_revision_details.details             ? 
# 
loop_
_pdbx_audit_revision_group.ordinal 
_pdbx_audit_revision_group.revision_ordinal 
_pdbx_audit_revision_group.data_content_type 
_pdbx_audit_revision_group.group 
1 2 'Structure model' 'Database references'    
2 3 'Structure model' 'Data collection'        
3 3 'Structure model' 'Database references'    
4 3 'Structure model' 'Derived calculations'   
5 3 'Structure model' 'Refinement description' 
# 
loop_
_pdbx_audit_revision_category.ordinal 
_pdbx_audit_revision_category.revision_ordinal 
_pdbx_audit_revision_category.data_content_type 
_pdbx_audit_revision_category.category 
1 3 'Structure model' chem_comp_atom                
2 3 'Structure model' chem_comp_bond                
3 3 'Structure model' database_2                    
4 3 'Structure model' pdbx_initial_refinement_model 
5 3 'Structure model' struct_site                   
# 
loop_
_pdbx_audit_revision_item.ordinal 
_pdbx_audit_revision_item.revision_ordinal 
_pdbx_audit_revision_item.data_content_type 
_pdbx_audit_revision_item.item 
1 3 'Structure model' '_database_2.pdbx_DOI'                
2 3 'Structure model' '_database_2.pdbx_database_accession' 
3 3 'Structure model' '_struct_site.pdbx_auth_asym_id'      
4 3 'Structure model' '_struct_site.pdbx_auth_comp_id'      
5 3 'Structure model' '_struct_site.pdbx_auth_seq_id'       
# 
_pdbx_refine_tls.pdbx_refine_id   'X-RAY DIFFRACTION' 
_pdbx_refine_tls.id               1 
_pdbx_refine_tls.details          ? 
_pdbx_refine_tls.method           refined 
_pdbx_refine_tls.origin_x         -0.1793 
_pdbx_refine_tls.origin_y         0.0169 
_pdbx_refine_tls.origin_z         0.0115 
_pdbx_refine_tls.T[1][1]          0.2212 
_pdbx_refine_tls.T[2][2]          0.4520 
_pdbx_refine_tls.T[3][3]          0.3729 
_pdbx_refine_tls.T[1][2]          0.0971 
_pdbx_refine_tls.T[1][3]          0.0741 
_pdbx_refine_tls.T[2][3]          0.0616 
_pdbx_refine_tls.L[1][1]          3.7556 
_pdbx_refine_tls.L[2][2]          7.8229 
_pdbx_refine_tls.L[3][3]          12.3173 
_pdbx_refine_tls.L[1][2]          1.3482 
_pdbx_refine_tls.L[1][3]          1.6466 
_pdbx_refine_tls.L[2][3]          -5.8711 
_pdbx_refine_tls.S[1][1]          -0.2825 
_pdbx_refine_tls.S[1][2]          0.2346 
_pdbx_refine_tls.S[1][3]          0.3366 
_pdbx_refine_tls.S[2][1]          -0.3384 
_pdbx_refine_tls.S[2][2]          0.9060 
_pdbx_refine_tls.S[2][3]          0.7124 
_pdbx_refine_tls.S[3][1]          0.5137 
_pdbx_refine_tls.S[3][2]          -0.8773 
_pdbx_refine_tls.S[3][3]          -0.6234 
# 
_pdbx_refine_tls_group.pdbx_refine_id      'X-RAY DIFFRACTION' 
_pdbx_refine_tls_group.id                  1 
_pdbx_refine_tls_group.refine_tls_id       1 
_pdbx_refine_tls_group.beg_auth_asym_id    A 
_pdbx_refine_tls_group.beg_auth_seq_id     1 
_pdbx_refine_tls_group.beg_label_asym_id   ? 
_pdbx_refine_tls_group.beg_label_seq_id    ? 
_pdbx_refine_tls_group.end_auth_asym_id    A 
_pdbx_refine_tls_group.end_auth_seq_id     13 
_pdbx_refine_tls_group.end_label_asym_id   ? 
_pdbx_refine_tls_group.end_label_seq_id    ? 
_pdbx_refine_tls_group.selection           ? 
_pdbx_refine_tls_group.selection_details   ? 
# 
_software.name             REFMAC 
_software.classification   refinement 
_software.version          5.8.0073 
_software.citation_id      ? 
_software.pdbx_ordinal     1 
# 
loop_
_pdbx_unobs_or_zero_occ_atoms.id 
_pdbx_unobs_or_zero_occ_atoms.PDB_model_num 
_pdbx_unobs_or_zero_occ_atoms.polymer_flag 
_pdbx_unobs_or_zero_occ_atoms.occupancy_flag 
_pdbx_unobs_or_zero_occ_atoms.auth_asym_id 
_pdbx_unobs_or_zero_occ_atoms.auth_comp_id 
_pdbx_unobs_or_zero_occ_atoms.auth_seq_id 
_pdbx_unobs_or_zero_occ_atoms.PDB_ins_code 
_pdbx_unobs_or_zero_occ_atoms.auth_atom_id 
_pdbx_unobs_or_zero_occ_atoms.label_alt_id 
_pdbx_unobs_or_zero_occ_atoms.label_asym_id 
_pdbx_unobs_or_zero_occ_atoms.label_comp_id 
_pdbx_unobs_or_zero_occ_atoms.label_seq_id 
_pdbx_unobs_or_zero_occ_atoms.label_atom_id 
1  1 Y 1 A DG 13 ? "C5'" ? A DG 13 "C5'" 
2  1 Y 1 A DG 13 ? "C4'" ? A DG 13 "C4'" 
3  1 Y 1 A DG 13 ? "O4'" ? A DG 13 "O4'" 
4  1 Y 1 A DG 13 ? "C3'" ? A DG 13 "C3'" 
5  1 Y 1 A DG 13 ? "O3'" ? A DG 13 "O3'" 
6  1 Y 1 A DG 13 ? "C2'" ? A DG 13 "C2'" 
7  1 Y 1 A DG 13 ? "C1'" ? A DG 13 "C1'" 
8  1 Y 1 A DG 13 ? N9    ? A DG 13 N9    
9  1 Y 1 A DG 13 ? C8    ? A DG 13 C8    
10 1 Y 1 A DG 13 ? N7    ? A DG 13 N7    
11 1 Y 1 A DG 13 ? C5    ? A DG 13 C5    
12 1 Y 1 A DG 13 ? C6    ? A DG 13 C6    
13 1 Y 1 A DG 13 ? O6    ? A DG 13 O6    
14 1 Y 1 A DG 13 ? N1    ? A DG 13 N1    
15 1 Y 1 A DG 13 ? C2    ? A DG 13 C2    
16 1 Y 1 A DG 13 ? N2    ? A DG 13 N2    
17 1 Y 1 A DG 13 ? N3    ? A DG 13 N3    
18 1 Y 1 A DG 13 ? C4    ? A DG 13 C4    
# 
loop_
_chem_comp_atom.comp_id 
_chem_comp_atom.atom_id 
_chem_comp_atom.type_symbol 
_chem_comp_atom.pdbx_aromatic_flag 
_chem_comp_atom.pdbx_stereo_config 
_chem_comp_atom.pdbx_ordinal 
DA  OP3    O  N N 1   
DA  P      P  N N 2   
DA  OP1    O  N N 3   
DA  OP2    O  N N 4   
DA  "O5'"  O  N N 5   
DA  "C5'"  C  N N 6   
DA  "C4'"  C  N R 7   
DA  "O4'"  O  N N 8   
DA  "C3'"  C  N S 9   
DA  "O3'"  O  N N 10  
DA  "C2'"  C  N N 11  
DA  "C1'"  C  N R 12  
DA  N9     N  Y N 13  
DA  C8     C  Y N 14  
DA  N7     N  Y N 15  
DA  C5     C  Y N 16  
DA  C6     C  Y N 17  
DA  N6     N  N N 18  
DA  N1     N  Y N 19  
DA  C2     C  Y N 20  
DA  N3     N  Y N 21  
DA  C4     C  Y N 22  
DA  HOP3   H  N N 23  
DA  HOP2   H  N N 24  
DA  "H5'"  H  N N 25  
DA  "H5''" H  N N 26  
DA  "H4'"  H  N N 27  
DA  "H3'"  H  N N 28  
DA  "HO3'" H  N N 29  
DA  "H2'"  H  N N 30  
DA  "H2''" H  N N 31  
DA  "H1'"  H  N N 32  
DA  H8     H  N N 33  
DA  H61    H  N N 34  
DA  H62    H  N N 35  
DA  H2     H  N N 36  
DC  OP3    O  N N 37  
DC  P      P  N N 38  
DC  OP1    O  N N 39  
DC  OP2    O  N N 40  
DC  "O5'"  O  N N 41  
DC  "C5'"  C  N N 42  
DC  "C4'"  C  N R 43  
DC  "O4'"  O  N N 44  
DC  "C3'"  C  N S 45  
DC  "O3'"  O  N N 46  
DC  "C2'"  C  N N 47  
DC  "C1'"  C  N R 48  
DC  N1     N  N N 49  
DC  C2     C  N N 50  
DC  O2     O  N N 51  
DC  N3     N  N N 52  
DC  C4     C  N N 53  
DC  N4     N  N N 54  
DC  C5     C  N N 55  
DC  C6     C  N N 56  
DC  HOP3   H  N N 57  
DC  HOP2   H  N N 58  
DC  "H5'"  H  N N 59  
DC  "H5''" H  N N 60  
DC  "H4'"  H  N N 61  
DC  "H3'"  H  N N 62  
DC  "HO3'" H  N N 63  
DC  "H2'"  H  N N 64  
DC  "H2''" H  N N 65  
DC  "H1'"  H  N N 66  
DC  H41    H  N N 67  
DC  H42    H  N N 68  
DC  H5     H  N N 69  
DC  H6     H  N N 70  
DG  OP3    O  N N 71  
DG  P      P  N N 72  
DG  OP1    O  N N 73  
DG  OP2    O  N N 74  
DG  "O5'"  O  N N 75  
DG  "C5'"  C  N N 76  
DG  "C4'"  C  N R 77  
DG  "O4'"  O  N N 78  
DG  "C3'"  C  N S 79  
DG  "O3'"  O  N N 80  
DG  "C2'"  C  N N 81  
DG  "C1'"  C  N R 82  
DG  N9     N  Y N 83  
DG  C8     C  Y N 84  
DG  N7     N  Y N 85  
DG  C5     C  Y N 86  
DG  C6     C  N N 87  
DG  O6     O  N N 88  
DG  N1     N  N N 89  
DG  C2     C  N N 90  
DG  N2     N  N N 91  
DG  N3     N  N N 92  
DG  C4     C  Y N 93  
DG  HOP3   H  N N 94  
DG  HOP2   H  N N 95  
DG  "H5'"  H  N N 96  
DG  "H5''" H  N N 97  
DG  "H4'"  H  N N 98  
DG  "H3'"  H  N N 99  
DG  "HO3'" H  N N 100 
DG  "H2'"  H  N N 101 
DG  "H2''" H  N N 102 
DG  "H1'"  H  N N 103 
DG  H8     H  N N 104 
DG  H1     H  N N 105 
DG  H21    H  N N 106 
DG  H22    H  N N 107 
DT  OP3    O  N N 108 
DT  P      P  N N 109 
DT  OP1    O  N N 110 
DT  OP2    O  N N 111 
DT  "O5'"  O  N N 112 
DT  "C5'"  C  N N 113 
DT  "C4'"  C  N R 114 
DT  "O4'"  O  N N 115 
DT  "C3'"  C  N S 116 
DT  "O3'"  O  N N 117 
DT  "C2'"  C  N N 118 
DT  "C1'"  C  N R 119 
DT  N1     N  N N 120 
DT  C2     C  N N 121 
DT  O2     O  N N 122 
DT  N3     N  N N 123 
DT  C4     C  N N 124 
DT  O4     O  N N 125 
DT  C5     C  N N 126 
DT  C7     C  N N 127 
DT  C6     C  N N 128 
DT  HOP3   H  N N 129 
DT  HOP2   H  N N 130 
DT  "H5'"  H  N N 131 
DT  "H5''" H  N N 132 
DT  "H4'"  H  N N 133 
DT  "H3'"  H  N N 134 
DT  "HO3'" H  N N 135 
DT  "H2'"  H  N N 136 
DT  "H2''" H  N N 137 
DT  "H1'"  H  N N 138 
DT  H3     H  N N 139 
DT  H71    H  N N 140 
DT  H72    H  N N 141 
DT  H73    H  N N 142 
DT  H6     H  N N 143 
HOH O      O  N N 144 
HOH H1     H  N N 145 
HOH H2     H  N N 146 
MG  MG     MG N N 147 
# 
loop_
_chem_comp_bond.comp_id 
_chem_comp_bond.atom_id_1 
_chem_comp_bond.atom_id_2 
_chem_comp_bond.value_order 
_chem_comp_bond.pdbx_aromatic_flag 
_chem_comp_bond.pdbx_stereo_config 
_chem_comp_bond.pdbx_ordinal 
DA  OP3   P      sing N N 1   
DA  OP3   HOP3   sing N N 2   
DA  P     OP1    doub N N 3   
DA  P     OP2    sing N N 4   
DA  P     "O5'"  sing N N 5   
DA  OP2   HOP2   sing N N 6   
DA  "O5'" "C5'"  sing N N 7   
DA  "C5'" "C4'"  sing N N 8   
DA  "C5'" "H5'"  sing N N 9   
DA  "C5'" "H5''" sing N N 10  
DA  "C4'" "O4'"  sing N N 11  
DA  "C4'" "C3'"  sing N N 12  
DA  "C4'" "H4'"  sing N N 13  
DA  "O4'" "C1'"  sing N N 14  
DA  "C3'" "O3'"  sing N N 15  
DA  "C3'" "C2'"  sing N N 16  
DA  "C3'" "H3'"  sing N N 17  
DA  "O3'" "HO3'" sing N N 18  
DA  "C2'" "C1'"  sing N N 19  
DA  "C2'" "H2'"  sing N N 20  
DA  "C2'" "H2''" sing N N 21  
DA  "C1'" N9     sing N N 22  
DA  "C1'" "H1'"  sing N N 23  
DA  N9    C8     sing Y N 24  
DA  N9    C4     sing Y N 25  
DA  C8    N7     doub Y N 26  
DA  C8    H8     sing N N 27  
DA  N7    C5     sing Y N 28  
DA  C5    C6     sing Y N 29  
DA  C5    C4     doub Y N 30  
DA  C6    N6     sing N N 31  
DA  C6    N1     doub Y N 32  
DA  N6    H61    sing N N 33  
DA  N6    H62    sing N N 34  
DA  N1    C2     sing Y N 35  
DA  C2    N3     doub Y N 36  
DA  C2    H2     sing N N 37  
DA  N3    C4     sing Y N 38  
DC  OP3   P      sing N N 39  
DC  OP3   HOP3   sing N N 40  
DC  P     OP1    doub N N 41  
DC  P     OP2    sing N N 42  
DC  P     "O5'"  sing N N 43  
DC  OP2   HOP2   sing N N 44  
DC  "O5'" "C5'"  sing N N 45  
DC  "C5'" "C4'"  sing N N 46  
DC  "C5'" "H5'"  sing N N 47  
DC  "C5'" "H5''" sing N N 48  
DC  "C4'" "O4'"  sing N N 49  
DC  "C4'" "C3'"  sing N N 50  
DC  "C4'" "H4'"  sing N N 51  
DC  "O4'" "C1'"  sing N N 52  
DC  "C3'" "O3'"  sing N N 53  
DC  "C3'" "C2'"  sing N N 54  
DC  "C3'" "H3'"  sing N N 55  
DC  "O3'" "HO3'" sing N N 56  
DC  "C2'" "C1'"  sing N N 57  
DC  "C2'" "H2'"  sing N N 58  
DC  "C2'" "H2''" sing N N 59  
DC  "C1'" N1     sing N N 60  
DC  "C1'" "H1'"  sing N N 61  
DC  N1    C2     sing N N 62  
DC  N1    C6     sing N N 63  
DC  C2    O2     doub N N 64  
DC  C2    N3     sing N N 65  
DC  N3    C4     doub N N 66  
DC  C4    N4     sing N N 67  
DC  C4    C5     sing N N 68  
DC  N4    H41    sing N N 69  
DC  N4    H42    sing N N 70  
DC  C5    C6     doub N N 71  
DC  C5    H5     sing N N 72  
DC  C6    H6     sing N N 73  
DG  OP3   P      sing N N 74  
DG  OP3   HOP3   sing N N 75  
DG  P     OP1    doub N N 76  
DG  P     OP2    sing N N 77  
DG  P     "O5'"  sing N N 78  
DG  OP2   HOP2   sing N N 79  
DG  "O5'" "C5'"  sing N N 80  
DG  "C5'" "C4'"  sing N N 81  
DG  "C5'" "H5'"  sing N N 82  
DG  "C5'" "H5''" sing N N 83  
DG  "C4'" "O4'"  sing N N 84  
DG  "C4'" "C3'"  sing N N 85  
DG  "C4'" "H4'"  sing N N 86  
DG  "O4'" "C1'"  sing N N 87  
DG  "C3'" "O3'"  sing N N 88  
DG  "C3'" "C2'"  sing N N 89  
DG  "C3'" "H3'"  sing N N 90  
DG  "O3'" "HO3'" sing N N 91  
DG  "C2'" "C1'"  sing N N 92  
DG  "C2'" "H2'"  sing N N 93  
DG  "C2'" "H2''" sing N N 94  
DG  "C1'" N9     sing N N 95  
DG  "C1'" "H1'"  sing N N 96  
DG  N9    C8     sing Y N 97  
DG  N9    C4     sing Y N 98  
DG  C8    N7     doub Y N 99  
DG  C8    H8     sing N N 100 
DG  N7    C5     sing Y N 101 
DG  C5    C6     sing N N 102 
DG  C5    C4     doub Y N 103 
DG  C6    O6     doub N N 104 
DG  C6    N1     sing N N 105 
DG  N1    C2     sing N N 106 
DG  N1    H1     sing N N 107 
DG  C2    N2     sing N N 108 
DG  C2    N3     doub N N 109 
DG  N2    H21    sing N N 110 
DG  N2    H22    sing N N 111 
DG  N3    C4     sing N N 112 
DT  OP3   P      sing N N 113 
DT  OP3   HOP3   sing N N 114 
DT  P     OP1    doub N N 115 
DT  P     OP2    sing N N 116 
DT  P     "O5'"  sing N N 117 
DT  OP2   HOP2   sing N N 118 
DT  "O5'" "C5'"  sing N N 119 
DT  "C5'" "C4'"  sing N N 120 
DT  "C5'" "H5'"  sing N N 121 
DT  "C5'" "H5''" sing N N 122 
DT  "C4'" "O4'"  sing N N 123 
DT  "C4'" "C3'"  sing N N 124 
DT  "C4'" "H4'"  sing N N 125 
DT  "O4'" "C1'"  sing N N 126 
DT  "C3'" "O3'"  sing N N 127 
DT  "C3'" "C2'"  sing N N 128 
DT  "C3'" "H3'"  sing N N 129 
DT  "O3'" "HO3'" sing N N 130 
DT  "C2'" "C1'"  sing N N 131 
DT  "C2'" "H2'"  sing N N 132 
DT  "C2'" "H2''" sing N N 133 
DT  "C1'" N1     sing N N 134 
DT  "C1'" "H1'"  sing N N 135 
DT  N1    C2     sing N N 136 
DT  N1    C6     sing N N 137 
DT  C2    O2     doub N N 138 
DT  C2    N3     sing N N 139 
DT  N3    C4     sing N N 140 
DT  N3    H3     sing N N 141 
DT  C4    O4     doub N N 142 
DT  C4    C5     sing N N 143 
DT  C5    C7     sing N N 144 
DT  C5    C6     doub N N 145 
DT  C7    H71    sing N N 146 
DT  C7    H72    sing N N 147 
DT  C7    H73    sing N N 148 
DT  C6    H6     sing N N 149 
HOH O     H1     sing N N 150 
HOH O     H2     sing N N 151 
# 
loop_
_ndb_struct_conf_na.entry_id 
_ndb_struct_conf_na.feature 
4ROY 'double helix'         
4ROY 'parallel strands'     
4ROY 'mismatched base pair' 
# 
loop_
_ndb_struct_na_base_pair.model_number 
_ndb_struct_na_base_pair.i_label_asym_id 
_ndb_struct_na_base_pair.i_label_comp_id 
_ndb_struct_na_base_pair.i_label_seq_id 
_ndb_struct_na_base_pair.i_symmetry 
_ndb_struct_na_base_pair.j_label_asym_id 
_ndb_struct_na_base_pair.j_label_comp_id 
_ndb_struct_na_base_pair.j_label_seq_id 
_ndb_struct_na_base_pair.j_symmetry 
_ndb_struct_na_base_pair.shear 
_ndb_struct_na_base_pair.stretch 
_ndb_struct_na_base_pair.stagger 
_ndb_struct_na_base_pair.buckle 
_ndb_struct_na_base_pair.propeller 
_ndb_struct_na_base_pair.opening 
_ndb_struct_na_base_pair.pair_number 
_ndb_struct_na_base_pair.pair_name 
_ndb_struct_na_base_pair.i_auth_asym_id 
_ndb_struct_na_base_pair.i_auth_seq_id 
_ndb_struct_na_base_pair.i_PDB_ins_code 
_ndb_struct_na_base_pair.j_auth_asym_id 
_ndb_struct_na_base_pair.j_auth_seq_id 
_ndb_struct_na_base_pair.j_PDB_ins_code 
_ndb_struct_na_base_pair.hbond_type_28 
_ndb_struct_na_base_pair.hbond_type_12 
1 A DG 1 1_555 A DG 10 5_555 -5.539 -0.737 -0.345 1.032   -6.436 -110.784 1 A_DG1:DG10_A A 1 ? A 10 ? 7 4  
1 A DG 2 1_555 A DG 11 5_555 3.168  8.239  -0.349 2.003   24.881 175.586  2 A_DG2:DG11_A A 2 ? A 11 ? 4 12 
1 A DA 3 1_555 A DA 12 5_555 -5.685 5.095  0.128  -10.290 30.673 -179.305 3 A_DA3:DA12_A A 3 ? A 12 ? 2 7  
# 
loop_
_ndb_struct_na_base_pair_step.model_number 
_ndb_struct_na_base_pair_step.i_label_asym_id_1 
_ndb_struct_na_base_pair_step.i_label_comp_id_1 
_ndb_struct_na_base_pair_step.i_label_seq_id_1 
_ndb_struct_na_base_pair_step.i_symmetry_1 
_ndb_struct_na_base_pair_step.j_label_asym_id_1 
_ndb_struct_na_base_pair_step.j_label_comp_id_1 
_ndb_struct_na_base_pair_step.j_label_seq_id_1 
_ndb_struct_na_base_pair_step.j_symmetry_1 
_ndb_struct_na_base_pair_step.i_label_asym_id_2 
_ndb_struct_na_base_pair_step.i_label_comp_id_2 
_ndb_struct_na_base_pair_step.i_label_seq_id_2 
_ndb_struct_na_base_pair_step.i_symmetry_2 
_ndb_struct_na_base_pair_step.j_label_asym_id_2 
_ndb_struct_na_base_pair_step.j_label_comp_id_2 
_ndb_struct_na_base_pair_step.j_label_seq_id_2 
_ndb_struct_na_base_pair_step.j_symmetry_2 
_ndb_struct_na_base_pair_step.shift 
_ndb_struct_na_base_pair_step.slide 
_ndb_struct_na_base_pair_step.rise 
_ndb_struct_na_base_pair_step.tilt 
_ndb_struct_na_base_pair_step.roll 
_ndb_struct_na_base_pair_step.twist 
_ndb_struct_na_base_pair_step.x_displacement 
_ndb_struct_na_base_pair_step.y_displacement 
_ndb_struct_na_base_pair_step.helical_rise 
_ndb_struct_na_base_pair_step.inclination 
_ndb_struct_na_base_pair_step.tip 
_ndb_struct_na_base_pair_step.helical_twist 
_ndb_struct_na_base_pair_step.step_number 
_ndb_struct_na_base_pair_step.step_name 
_ndb_struct_na_base_pair_step.i_auth_asym_id_1 
_ndb_struct_na_base_pair_step.i_auth_seq_id_1 
_ndb_struct_na_base_pair_step.i_PDB_ins_code_1 
_ndb_struct_na_base_pair_step.j_auth_asym_id_1 
_ndb_struct_na_base_pair_step.j_auth_seq_id_1 
_ndb_struct_na_base_pair_step.j_PDB_ins_code_1 
_ndb_struct_na_base_pair_step.i_auth_asym_id_2 
_ndb_struct_na_base_pair_step.i_auth_seq_id_2 
_ndb_struct_na_base_pair_step.i_PDB_ins_code_2 
_ndb_struct_na_base_pair_step.j_auth_asym_id_2 
_ndb_struct_na_base_pair_step.j_auth_seq_id_2 
_ndb_struct_na_base_pair_step.j_PDB_ins_code_2 
1 A DG 1 1_555 A DG 10 5_555 A DG 2 1_555 A DG 11 5_555 3.942  -0.053 2.271 -108.271 136.525 -3.251  -1.813 0.515 2.555 -70.453 
-55.872 -174.248 1 AA_DG1DG2:DG11DG10_AA A 1 ? A 10 ? A 2 ? A 11 ? 
1 A DG 2 1_555 A DG 11 5_555 A DA 3 1_555 A DA 12 5_555 -0.053 0.201  4.493 0.373    -0.100  171.779 0.101  0.027 4.493 -0.050  
-0.187  171.779  2 AA_DG2DA3:DA12DG11_AA A 2 ? A 11 ? A 3 ? A 12 ? 
# 
loop_
_pdbx_entity_nonpoly.entity_id 
_pdbx_entity_nonpoly.name 
_pdbx_entity_nonpoly.comp_id 
2 'MAGNESIUM ION' MG  
3 water           HOH 
# 
_pdbx_initial_refinement_model.id               1 
_pdbx_initial_refinement_model.entity_id_list   ? 
_pdbx_initial_refinement_model.type             'experimental model' 
_pdbx_initial_refinement_model.source_name      PDB 
_pdbx_initial_refinement_model.accession_code   1P1Y 
_pdbx_initial_refinement_model.details          'PDB ENTRY 1p1y' 
# 
